data_4RIC
#
_entry.id   4RIC
#
_cell.length_a   97.697
_cell.length_b   110.989
_cell.length_c   105.427
_cell.angle_alpha   90.00
_cell.angle_beta   103.75
_cell.angle_gamma   90.00
#
_symmetry.space_group_name_H-M   'P 1 21 1'
#
loop_
_entity.id
_entity.type
_entity.pdbx_description
1 polymer 'Fanconi-associated nuclease 1'
2 polymer "DNA (5'-D(*TP*TP*AP*GP*CP*CP*AP*CP*GP*CP*CP*TP*AP*GP*AP*CP*TP*CP*CP*TP*C)-3')"
3 polymer "DNA (5'-D(*GP*CP*TP*GP*AP*GP*GP*AP*GP*TP*CP*T)-3')"
4 polymer "DNA (5'-D(*TP*TP*TP*TP*TP*TP*GP*AP*GP*GP*CP*GP*TP*G)-3')"
5 non-polymer 'CALCIUM ION'
#
loop_
_entity_poly.entity_id
_entity_poly.type
_entity_poly.pdbx_seq_one_letter_code
_entity_poly.pdbx_strand_id
1 'polypeptide(L)'
;TGHPYYLRSFLVVLKTVLENEDDMLLFDEQEKGIVTKFYQLSATGQKLYVRLFQRKLSWIKMTKLEYEEIALDLTPVIEE
LTNAGFLQTESELQELSEVLELLSAPELKSLAKTFHLVNPNGQKQQLVDAFLKLAKQRSVIGAVILKRAKALAGQSVRIC
KGPRAVFSRILLLFSLTDSMEDEDAACGGQGQLSTVLLVNLGRMEFPSYTINRKTHIFQDRDDLIRYAAATHMLSDISSA
MANGNWEEAKELAQCAKRDWNRLKNHPSLRCHEDLPLFLRCFTVGWIYTRILSRFVEILQRLHMYEEAVRELESLLSQRI
YCPDSRGRWWDRLALNLHQHLKRLEPTIKCITEGLADPEVRTGHRLSLYQRAVRLRESPSCKKFKHLFQQLPEMAVQDVK
HVTITGRLCPQRGMCKSVFVMEAGEAADPTTVLCSVEELALAHYRRSGFDQGIHGEGSTFSTLYGLLLWDIIFMDGIPDV
FRNACQAFPLDLCTDSFFTSRRPALEARLQLIHDAPEESLRAWVAATWHEQEGRVASLVSWDRFTSLQQAQDLVSCLGGP
VLSGVCRHLAADFRHCRGGLPDLVVWNSQSRHFKLVEVKGPNDRLSHKQMIWLAELQKLGAEVEVCHVVAV
;
A,B
2 'polydeoxyribonucleotide'
;(DT)(DT)(DA)(DG)(DC)(DC)(DA)(DC)(DG)(DC)(DC)(DT)(DA)(DG)(DA)(DC)(DT)(DC)(DC)(DT)
(DC)
;
X,U
3 'polydeoxyribonucleotide' (DG)(DC)(DT)(DG)(DA)(DG)(DG)(DA)(DG)(DT)(DC)(DT) Y,V
4 'polydeoxyribonucleotide' (DT)(DT)(DT)(DT)(DT)(DT)(DG)(DA)(DG)(DG)(DC)(DG)(DT)(DG) W,T
#
loop_
_chem_comp.id
_chem_comp.type
_chem_comp.name
_chem_comp.formula
CA non-polymer 'CALCIUM ION' 'Ca 2'
DA DNA linking 2'-DEOXYADENOSINE-5'-MONOPHOSPHATE 'C10 H14 N5 O6 P'
DC DNA linking 2'-DEOXYCYTIDINE-5'-MONOPHOSPHATE 'C9 H14 N3 O7 P'
DG DNA linking 2'-DEOXYGUANOSINE-5'-MONOPHOSPHATE 'C10 H14 N5 O7 P'
DT DNA linking THYMIDINE-5'-MONOPHOSPHATE 'C10 H15 N2 O8 P'
#
# COMPACT_ATOMS: atom_id res chain seq x y z
N THR A 1 33.28 -4.87 -60.01
CA THR A 1 34.77 -4.80 -59.82
C THR A 1 35.14 -4.69 -58.35
N GLY A 2 34.14 -4.70 -57.48
CA GLY A 2 34.39 -4.51 -56.05
C GLY A 2 35.02 -5.69 -55.32
N HIS A 3 35.43 -5.46 -54.08
CA HIS A 3 35.83 -6.50 -53.17
C HIS A 3 34.57 -7.14 -52.58
N PRO A 4 34.68 -8.38 -52.07
CA PRO A 4 33.54 -8.93 -51.31
C PRO A 4 33.29 -8.15 -49.99
N TYR A 5 32.05 -8.19 -49.51
CA TYR A 5 31.62 -7.47 -48.32
C TYR A 5 32.60 -7.52 -47.14
N TYR A 6 33.03 -8.72 -46.77
CA TYR A 6 33.86 -8.86 -45.57
C TYR A 6 35.20 -8.10 -45.67
N LEU A 7 35.77 -8.05 -46.88
CA LEU A 7 37.03 -7.33 -47.10
C LEU A 7 36.83 -5.83 -47.10
N ARG A 8 35.76 -5.34 -47.73
CA ARG A 8 35.41 -3.91 -47.68
C ARG A 8 35.32 -3.42 -46.25
N SER A 9 34.57 -4.13 -45.40
CA SER A 9 34.39 -3.70 -44.01
C SER A 9 35.71 -3.61 -43.25
N PHE A 10 36.45 -4.72 -43.29
CA PHE A 10 37.75 -4.82 -42.66
C PHE A 10 38.63 -3.67 -43.15
N LEU A 11 38.54 -3.39 -44.47
CA LEU A 11 39.26 -2.27 -45.04
C LEU A 11 38.83 -0.93 -44.44
N VAL A 12 37.53 -0.70 -44.33
CA VAL A 12 37.07 0.53 -43.71
C VAL A 12 37.59 0.68 -42.26
N VAL A 13 37.64 -0.42 -41.50
CA VAL A 13 38.16 -0.39 -40.12
C VAL A 13 39.58 0.14 -40.11
N LEU A 14 40.51 -0.53 -40.82
CA LEU A 14 41.92 -0.07 -40.92
C LEU A 14 42.08 1.39 -41.38
N LYS A 15 41.46 1.73 -42.50
CA LYS A 15 41.48 3.10 -42.99
C LYS A 15 41.17 4.10 -41.87
N THR A 16 40.03 3.89 -41.21
CA THR A 16 39.54 4.77 -40.16
C THR A 16 40.54 4.97 -39.05
N VAL A 17 41.17 3.88 -38.61
CA VAL A 17 42.06 3.93 -37.48
C VAL A 17 43.39 4.49 -37.92
N LEU A 18 43.82 4.19 -39.16
CA LEU A 18 45.13 4.66 -39.64
C LEU A 18 45.18 6.17 -39.83
N GLU A 19 44.05 6.80 -40.17
CA GLU A 19 44.12 8.23 -40.49
C GLU A 19 44.28 9.15 -39.29
N ASN A 20 44.45 8.56 -38.11
CA ASN A 20 44.64 9.29 -36.86
C ASN A 20 46.10 9.13 -36.44
N GLU A 21 46.84 10.22 -36.32
CA GLU A 21 48.20 10.09 -35.83
C GLU A 21 48.19 9.81 -34.33
N ASP A 22 47.25 10.43 -33.60
CA ASP A 22 47.07 10.13 -32.18
C ASP A 22 47.14 8.63 -31.99
N ASP A 23 46.28 7.91 -32.70
CA ASP A 23 46.11 6.49 -32.52
C ASP A 23 47.31 5.65 -32.94
N MET A 24 47.98 6.04 -34.02
CA MET A 24 49.13 5.27 -34.50
C MET A 24 50.38 5.39 -33.61
N LEU A 25 50.47 6.46 -32.81
CA LEU A 25 51.45 6.57 -31.71
C LEU A 25 51.42 5.35 -30.78
N LEU A 26 50.28 4.71 -30.66
CA LEU A 26 50.12 3.61 -29.72
C LEU A 26 50.55 2.28 -30.36
N PHE A 27 51.14 2.36 -31.56
CA PHE A 27 51.75 1.20 -32.19
C PHE A 27 53.24 1.41 -32.48
N ASP A 28 54.05 0.40 -32.18
CA ASP A 28 55.48 0.46 -32.49
C ASP A 28 55.74 0.19 -33.97
N GLU A 29 56.98 0.44 -34.40
CA GLU A 29 57.37 0.31 -35.82
C GLU A 29 57.07 -1.08 -36.33
N GLN A 30 57.55 -2.08 -35.59
CA GLN A 30 57.28 -3.48 -35.85
C GLN A 30 55.79 -3.71 -36.21
N GLU A 31 54.90 -3.29 -35.31
CA GLU A 31 53.45 -3.43 -35.46
C GLU A 31 52.91 -2.73 -36.70
N LYS A 32 53.33 -1.49 -36.91
CA LYS A 32 52.93 -0.76 -38.12
C LYS A 32 53.34 -1.45 -39.44
N GLY A 33 54.46 -2.17 -39.42
CA GLY A 33 54.95 -2.85 -40.59
C GLY A 33 53.99 -3.95 -40.99
N ILE A 34 53.47 -4.63 -39.96
CA ILE A 34 52.43 -5.65 -40.15
C ILE A 34 51.23 -5.13 -40.95
N VAL A 35 50.81 -3.90 -40.66
CA VAL A 35 49.71 -3.30 -41.42
C VAL A 35 50.11 -3.10 -42.88
N THR A 36 51.32 -2.60 -43.11
CA THR A 36 51.81 -2.40 -44.49
C THR A 36 51.94 -3.73 -45.21
N LYS A 37 52.48 -4.73 -44.52
CA LYS A 37 52.58 -6.07 -45.05
C LYS A 37 51.20 -6.51 -45.54
N PHE A 38 50.18 -6.21 -44.75
CA PHE A 38 48.82 -6.56 -45.15
C PHE A 38 48.37 -5.87 -46.44
N TYR A 39 48.57 -4.55 -46.50
CA TYR A 39 48.20 -3.82 -47.70
C TYR A 39 49.02 -4.34 -48.88
N GLN A 40 50.22 -4.86 -48.58
CA GLN A 40 51.07 -5.38 -49.63
C GLN A 40 50.57 -6.63 -50.29
N LEU A 41 49.73 -7.40 -49.60
CA LEU A 41 49.20 -8.63 -50.17
C LEU A 41 48.32 -8.36 -51.38
N SER A 42 48.07 -9.43 -52.12
CA SER A 42 47.21 -9.38 -53.27
C SER A 42 45.77 -9.38 -52.77
N ALA A 43 44.85 -8.95 -53.63
CA ALA A 43 43.42 -9.02 -53.34
C ALA A 43 43.02 -10.41 -52.79
N THR A 44 43.73 -11.44 -53.22
CA THR A 44 43.37 -12.78 -52.83
C THR A 44 43.94 -13.04 -51.44
N GLY A 45 45.17 -12.60 -51.23
CA GLY A 45 45.80 -12.72 -49.93
C GLY A 45 44.99 -12.01 -48.86
N GLN A 46 44.45 -10.85 -49.22
CA GLN A 46 43.68 -10.06 -48.31
C GLN A 46 42.36 -10.75 -47.99
N LYS A 47 41.61 -11.13 -49.02
CA LYS A 47 40.39 -11.89 -48.83
C LYS A 47 40.56 -13.08 -47.89
N LEU A 48 41.54 -13.93 -48.18
CA LEU A 48 41.74 -15.13 -47.37
C LEU A 48 42.09 -14.80 -45.94
N TYR A 49 42.96 -13.82 -45.72
CA TYR A 49 43.28 -13.48 -44.35
C TYR A 49 42.04 -13.12 -43.54
N VAL A 50 41.17 -12.31 -44.11
CA VAL A 50 40.02 -11.82 -43.39
C VAL A 50 39.09 -12.97 -43.05
N ARG A 51 38.86 -13.88 -44.02
CA ARG A 51 38.02 -15.06 -43.80
C ARG A 51 38.45 -15.79 -42.54
N LEU A 52 39.74 -16.06 -42.45
CA LEU A 52 40.32 -16.76 -41.31
C LEU A 52 40.43 -15.90 -40.03
N PHE A 53 40.58 -14.59 -40.19
CA PHE A 53 40.54 -13.66 -39.06
C PHE A 53 39.16 -13.71 -38.37
N GLN A 54 38.12 -13.84 -39.19
CA GLN A 54 36.76 -13.90 -38.71
C GLN A 54 36.43 -15.24 -38.06
N ARG A 55 37.09 -16.32 -38.47
CA ARG A 55 36.85 -17.64 -37.90
C ARG A 55 37.59 -17.82 -36.58
N LYS A 56 37.32 -18.94 -35.92
CA LYS A 56 37.95 -19.26 -34.66
C LYS A 56 39.46 -19.36 -34.81
N LEU A 57 40.18 -18.96 -33.77
CA LEU A 57 41.64 -19.08 -33.81
C LEU A 57 42.13 -20.49 -33.48
N SER A 58 42.41 -21.27 -34.52
CA SER A 58 43.02 -22.60 -34.36
C SER A 58 43.30 -23.28 -35.70
N TRP A 59 43.92 -24.46 -35.63
CA TRP A 59 44.34 -25.22 -36.81
C TRP A 59 43.12 -25.58 -37.62
N ILE A 60 43.29 -25.56 -38.94
CA ILE A 60 42.23 -25.96 -39.87
C ILE A 60 42.88 -26.87 -40.89
N LYS A 61 42.37 -28.08 -41.06
CA LYS A 61 42.85 -28.96 -42.13
C LYS A 61 42.69 -28.26 -43.48
N MET A 62 43.73 -28.34 -44.31
CA MET A 62 43.70 -27.76 -45.64
C MET A 62 42.52 -28.20 -46.48
N THR A 63 42.04 -29.41 -46.22
CA THR A 63 40.87 -29.96 -46.91
C THR A 63 39.53 -29.43 -46.39
N LYS A 64 39.57 -28.68 -45.29
CA LYS A 64 38.38 -28.00 -44.76
C LYS A 64 38.36 -26.50 -45.11
N LEU A 65 39.28 -26.09 -45.98
CA LEU A 65 39.32 -24.73 -46.46
C LEU A 65 38.82 -24.65 -47.88
N GLU A 66 37.83 -23.82 -48.13
CA GLU A 66 37.32 -23.69 -49.47
C GLU A 66 36.59 -22.36 -49.62
N TYR A 67 37.15 -21.49 -50.44
CA TYR A 67 36.51 -20.24 -50.82
C TYR A 67 36.66 -20.05 -52.33
N GLU A 68 35.64 -20.45 -53.06
CA GLU A 68 35.68 -20.40 -54.50
C GLU A 68 35.67 -18.98 -55.00
N GLU A 69 35.02 -18.06 -54.26
CA GLU A 69 35.04 -16.66 -54.62
C GLU A 69 36.47 -16.09 -54.52
N ILE A 70 37.34 -16.83 -53.84
CA ILE A 70 38.71 -16.39 -53.64
C ILE A 70 39.62 -16.99 -54.72
N ALA A 71 39.75 -18.31 -54.71
CA ALA A 71 40.58 -19.05 -55.65
C ALA A 71 40.22 -20.52 -55.56
N LEU A 72 40.08 -21.15 -56.73
CA LEU A 72 39.75 -22.57 -56.81
C LEU A 72 40.80 -23.45 -56.16
N ASP A 73 42.07 -23.04 -56.24
CA ASP A 73 43.14 -23.67 -55.47
C ASP A 73 43.79 -22.63 -54.57
N LEU A 74 43.72 -22.88 -53.27
CA LEU A 74 44.12 -21.87 -52.31
C LEU A 74 45.62 -21.82 -51.98
N THR A 75 46.38 -22.81 -52.49
CA THR A 75 47.79 -22.98 -52.07
C THR A 75 48.73 -21.82 -52.44
N PRO A 76 48.58 -21.26 -53.65
CA PRO A 76 49.44 -20.10 -53.90
C PRO A 76 49.13 -18.98 -52.89
N VAL A 77 47.83 -18.88 -52.53
CA VAL A 77 47.35 -17.87 -51.56
C VAL A 77 47.84 -18.16 -50.12
N ILE A 78 47.64 -19.39 -49.64
CA ILE A 78 48.22 -19.79 -48.36
C ILE A 78 49.71 -19.50 -48.36
N GLU A 79 50.39 -19.88 -49.42
CA GLU A 79 51.82 -19.64 -49.50
C GLU A 79 52.16 -18.17 -49.26
N GLU A 80 51.52 -17.27 -50.03
CA GLU A 80 51.71 -15.81 -49.91
C GLU A 80 51.61 -15.37 -48.46
N LEU A 81 50.55 -15.84 -47.79
CA LEU A 81 50.28 -15.50 -46.39
C LEU A 81 51.34 -16.06 -45.43
N THR A 82 51.74 -17.31 -45.64
CA THR A 82 52.80 -17.88 -44.81
C THR A 82 54.09 -17.09 -45.00
N ASN A 83 54.34 -16.66 -46.23
CA ASN A 83 55.53 -15.86 -46.51
C ASN A 83 55.55 -14.53 -45.78
N ALA A 84 54.38 -13.89 -45.75
CA ALA A 84 54.23 -12.55 -45.19
C ALA A 84 54.18 -12.56 -43.65
N GLY A 85 54.03 -13.75 -43.06
CA GLY A 85 54.13 -13.91 -41.61
C GLY A 85 52.77 -13.98 -40.93
N PHE A 86 51.71 -14.03 -41.74
CA PHE A 86 50.36 -13.91 -41.23
C PHE A 86 49.76 -15.24 -40.85
N LEU A 87 50.09 -16.24 -41.65
CA LEU A 87 49.58 -17.59 -41.51
C LEU A 87 50.79 -18.46 -41.16
N GLN A 88 50.56 -19.64 -40.58
CA GLN A 88 51.62 -20.62 -40.35
C GLN A 88 51.16 -22.02 -40.75
N THR A 89 52.12 -22.94 -40.86
CA THR A 89 51.87 -24.28 -41.43
C THR A 89 52.07 -25.40 -40.43
N GLU A 90 51.60 -26.60 -40.82
CA GLU A 90 51.74 -27.85 -40.05
C GLU A 90 53.16 -28.05 -39.54
N SER A 91 54.12 -27.51 -40.27
CA SER A 91 55.51 -27.40 -39.80
C SER A 91 55.65 -26.73 -38.42
N GLU A 92 54.95 -25.61 -38.21
CA GLU A 92 55.08 -24.89 -36.93
C GLU A 92 54.15 -25.46 -35.85
N LEU A 93 53.37 -26.46 -36.24
CA LEU A 93 52.50 -27.17 -35.33
C LEU A 93 53.34 -28.11 -34.49
N GLN A 94 53.37 -27.86 -33.20
CA GLN A 94 54.34 -28.50 -32.32
C GLN A 94 53.76 -29.05 -31.02
N GLU A 95 52.73 -28.40 -30.51
CA GLU A 95 52.09 -28.84 -29.29
C GLU A 95 51.21 -30.05 -29.56
N LEU A 96 51.13 -30.97 -28.60
CA LEU A 96 50.46 -32.25 -28.85
C LEU A 96 48.94 -32.13 -28.85
N SER A 97 48.41 -31.60 -27.73
CA SER A 97 46.99 -31.30 -27.55
C SER A 97 46.38 -30.68 -28.81
N GLU A 98 47.13 -29.75 -29.40
CA GLU A 98 46.72 -29.10 -30.64
C GLU A 98 46.52 -30.10 -31.78
N VAL A 99 47.49 -30.99 -31.98
CA VAL A 99 47.38 -31.97 -33.07
C VAL A 99 46.27 -32.97 -32.82
N LEU A 100 46.16 -33.39 -31.56
CA LEU A 100 45.08 -34.25 -31.15
C LEU A 100 43.73 -33.58 -31.43
N GLU A 101 43.61 -32.31 -31.03
CA GLU A 101 42.43 -31.48 -31.34
C GLU A 101 42.01 -31.47 -32.81
N LEU A 102 42.99 -31.30 -33.70
CA LEU A 102 42.76 -31.16 -35.13
C LEU A 102 42.31 -32.46 -35.78
N LEU A 103 42.43 -33.56 -35.04
CA LEU A 103 42.07 -34.88 -35.56
C LEU A 103 40.63 -35.18 -35.29
N SER A 104 39.97 -35.76 -36.30
CA SER A 104 38.63 -36.32 -36.14
C SER A 104 38.62 -37.49 -35.16
N ALA A 105 37.49 -37.72 -34.49
CA ALA A 105 37.37 -38.87 -33.58
C ALA A 105 37.69 -40.26 -34.22
N PRO A 106 37.26 -40.51 -35.49
CA PRO A 106 37.74 -41.70 -36.23
C PRO A 106 39.27 -41.80 -36.28
N GLU A 107 39.92 -40.72 -36.73
CA GLU A 107 41.39 -40.65 -36.82
C GLU A 107 42.10 -40.82 -35.46
N LEU A 108 41.43 -40.40 -34.40
CA LEU A 108 41.96 -40.61 -33.06
C LEU A 108 41.85 -42.06 -32.61
N LYS A 109 40.84 -42.77 -33.13
CA LYS A 109 40.67 -44.21 -32.90
C LYS A 109 41.84 -44.98 -33.55
N SER A 110 42.03 -44.80 -34.87
CA SER A 110 43.14 -45.40 -35.60
C SER A 110 44.45 -45.21 -34.86
N LEU A 111 44.72 -43.98 -34.41
CA LEU A 111 45.94 -43.66 -33.67
C LEU A 111 45.93 -44.33 -32.29
N ALA A 112 44.75 -44.56 -31.73
CA ALA A 112 44.62 -45.31 -30.47
C ALA A 112 44.94 -46.79 -30.70
N LYS A 113 44.67 -47.27 -31.92
CA LYS A 113 44.93 -48.65 -32.28
C LYS A 113 46.42 -48.90 -32.52
N THR A 114 46.98 -48.24 -33.54
CA THR A 114 48.39 -48.42 -33.89
C THR A 114 49.35 -47.94 -32.79
N PHE A 115 48.81 -47.80 -31.57
CA PHE A 115 49.61 -47.59 -30.38
C PHE A 115 49.08 -48.57 -29.33
N HIS A 116 49.86 -49.62 -29.05
CA HIS A 116 49.40 -50.73 -28.22
C HIS A 116 48.89 -50.32 -26.85
N LEU A 117 49.61 -49.40 -26.20
CA LEU A 117 49.28 -48.95 -24.84
C LEU A 117 47.96 -48.16 -24.71
N VAL A 118 47.14 -48.15 -25.77
CA VAL A 118 45.90 -47.39 -25.75
C VAL A 118 44.67 -48.33 -25.80
N ASN A 119 43.64 -47.98 -25.01
CA ASN A 119 42.32 -48.60 -25.08
C ASN A 119 41.44 -47.98 -26.19
N PRO A 120 41.36 -48.63 -27.38
CA PRO A 120 40.91 -48.00 -28.65
C PRO A 120 39.60 -47.23 -28.63
N ASN A 121 38.74 -47.51 -27.65
CA ASN A 121 37.41 -46.90 -27.57
C ASN A 121 37.28 -45.88 -26.44
N GLY A 122 36.27 -45.03 -26.57
CA GLY A 122 36.05 -43.93 -25.63
C GLY A 122 35.74 -42.67 -26.41
N GLN A 123 35.31 -41.62 -25.72
CA GLN A 123 34.99 -40.35 -26.36
C GLN A 123 36.24 -39.63 -26.81
N LYS A 124 36.10 -38.69 -27.75
CA LYS A 124 37.24 -37.94 -28.25
C LYS A 124 38.01 -37.27 -27.11
N GLN A 125 37.30 -36.74 -26.12
CA GLN A 125 37.97 -36.12 -24.97
C GLN A 125 38.78 -37.15 -24.17
N GLN A 126 38.24 -38.36 -24.07
CA GLN A 126 38.86 -39.44 -23.30
C GLN A 126 40.23 -39.84 -23.88
N LEU A 127 40.21 -40.21 -25.16
CA LEU A 127 41.42 -40.56 -25.90
C LEU A 127 42.51 -39.49 -25.77
N VAL A 128 42.10 -38.23 -25.79
CA VAL A 128 43.04 -37.11 -25.71
C VAL A 128 43.67 -37.00 -24.32
N ASP A 129 42.85 -37.03 -23.28
CA ASP A 129 43.36 -37.06 -21.90
C ASP A 129 44.39 -38.19 -21.73
N ALA A 130 44.10 -39.32 -22.37
CA ALA A 130 44.97 -40.51 -22.38
C ALA A 130 46.31 -40.23 -23.08
N PHE A 131 46.27 -39.99 -24.39
CA PHE A 131 47.48 -39.68 -25.18
C PHE A 131 48.38 -38.63 -24.52
N LEU A 132 47.78 -37.61 -23.88
CA LEU A 132 48.54 -36.56 -23.21
C LEU A 132 49.15 -37.03 -21.90
N LYS A 133 48.44 -37.89 -21.17
CA LYS A 133 48.98 -38.54 -19.98
C LYS A 133 50.22 -39.35 -20.39
N LEU A 134 50.04 -40.20 -21.40
CA LEU A 134 51.11 -41.07 -21.89
C LEU A 134 52.40 -40.33 -22.19
N ALA A 135 52.29 -39.22 -22.93
CA ALA A 135 53.46 -38.46 -23.38
C ALA A 135 54.09 -37.63 -22.28
N LYS A 136 53.35 -37.39 -21.20
CA LYS A 136 53.88 -36.61 -20.10
C LYS A 136 54.81 -37.46 -19.25
N GLN A 137 54.47 -38.75 -19.14
CA GLN A 137 55.33 -39.71 -18.45
C GLN A 137 56.49 -40.19 -19.35
N ARG A 138 56.17 -40.82 -20.48
CA ARG A 138 57.21 -41.33 -21.38
C ARG A 138 57.45 -40.43 -22.60
N SER A 139 58.12 -39.30 -22.33
CA SER A 139 58.24 -38.18 -23.27
C SER A 139 58.66 -38.51 -24.72
N VAL A 140 59.60 -39.43 -24.88
CA VAL A 140 60.14 -39.73 -26.20
C VAL A 140 59.13 -40.47 -27.08
N ILE A 141 58.28 -41.29 -26.45
CA ILE A 141 57.22 -41.97 -27.20
C ILE A 141 56.16 -40.96 -27.63
N GLY A 142 55.99 -39.91 -26.80
CA GLY A 142 55.10 -38.80 -27.09
C GLY A 142 55.48 -38.06 -28.37
N ALA A 143 56.78 -37.87 -28.56
CA ALA A 143 57.30 -37.25 -29.78
C ALA A 143 56.99 -38.06 -31.04
N VAL A 144 56.85 -39.36 -30.88
CA VAL A 144 56.52 -40.26 -31.99
C VAL A 144 55.04 -40.15 -32.34
N ILE A 145 54.21 -40.05 -31.28
CA ILE A 145 52.75 -39.91 -31.41
C ILE A 145 52.45 -38.62 -32.15
N LEU A 146 53.00 -37.53 -31.63
CA LEU A 146 53.00 -36.23 -32.29
C LEU A 146 53.35 -36.34 -33.79
N LYS A 147 54.50 -36.91 -34.10
CA LYS A 147 54.95 -37.09 -35.47
C LYS A 147 53.89 -37.80 -36.33
N ARG A 148 53.25 -38.84 -35.80
CA ARG A 148 52.34 -39.62 -36.63
C ARG A 148 50.99 -38.99 -36.69
N ALA A 149 50.55 -38.45 -35.54
CA ALA A 149 49.36 -37.60 -35.49
C ALA A 149 49.44 -36.54 -36.59
N LYS A 150 50.50 -35.73 -36.57
CA LYS A 150 50.71 -34.71 -37.59
C LYS A 150 50.55 -35.26 -39.00
N ALA A 151 51.33 -36.27 -39.34
CA ALA A 151 51.25 -36.91 -40.66
C ALA A 151 49.84 -37.42 -40.96
N LEU A 152 49.12 -37.83 -39.91
CA LEU A 152 47.76 -38.32 -40.05
C LEU A 152 46.79 -37.18 -40.39
N ALA A 153 46.95 -36.06 -39.68
CA ALA A 153 46.13 -34.83 -39.82
C ALA A 153 46.30 -34.21 -41.19
N GLY A 154 47.51 -34.30 -41.72
CA GLY A 154 47.82 -33.74 -43.02
C GLY A 154 48.17 -32.27 -42.97
N GLN A 155 48.05 -31.64 -44.12
CA GLN A 155 48.39 -30.24 -44.25
C GLN A 155 47.38 -29.37 -43.50
N SER A 156 47.88 -28.40 -42.75
CA SER A 156 47.04 -27.55 -41.92
C SER A 156 47.58 -26.14 -41.85
N VAL A 157 46.68 -25.19 -41.58
CA VAL A 157 47.08 -23.80 -41.36
C VAL A 157 46.45 -23.26 -40.09
N ARG A 158 47.09 -22.26 -39.52
CA ARG A 158 46.57 -21.52 -38.40
C ARG A 158 47.02 -20.09 -38.55
N ILE A 159 46.15 -19.16 -38.16
CA ILE A 159 46.42 -17.72 -38.22
C ILE A 159 47.53 -17.45 -37.19
N CYS A 160 48.47 -16.58 -37.53
CA CYS A 160 49.54 -16.24 -36.57
C CYS A 160 49.03 -15.24 -35.59
N LYS A 161 49.16 -15.59 -34.31
CA LYS A 161 48.62 -14.80 -33.24
C LYS A 161 49.31 -13.43 -33.03
N GLY A 162 50.49 -13.23 -33.57
CA GLY A 162 51.20 -11.98 -33.36
C GLY A 162 50.65 -10.87 -34.22
N PRO A 163 50.61 -11.11 -35.54
CA PRO A 163 49.95 -10.15 -36.45
C PRO A 163 48.44 -10.02 -36.15
N ARG A 164 47.78 -11.13 -35.78
CA ARG A 164 46.38 -11.06 -35.41
C ARG A 164 46.17 -10.11 -34.24
N ALA A 165 47.04 -10.17 -33.23
CA ALA A 165 46.86 -9.30 -32.07
C ALA A 165 46.90 -7.84 -32.46
N VAL A 166 47.61 -7.51 -33.54
CA VAL A 166 47.70 -6.10 -33.95
C VAL A 166 46.35 -5.62 -34.45
N PHE A 167 45.76 -6.44 -35.32
CA PHE A 167 44.44 -6.15 -35.86
C PHE A 167 43.34 -6.06 -34.79
N SER A 168 43.40 -6.91 -33.76
CA SER A 168 42.52 -6.81 -32.59
C SER A 168 42.60 -5.43 -32.04
N ARG A 169 43.81 -4.94 -31.78
CA ARG A 169 43.95 -3.65 -31.15
C ARG A 169 43.51 -2.52 -32.08
N ILE A 170 43.61 -2.74 -33.38
CA ILE A 170 43.10 -1.79 -34.35
C ILE A 170 41.57 -1.81 -34.34
N LEU A 171 40.99 -3.00 -34.22
CA LEU A 171 39.57 -3.19 -34.17
C LEU A 171 39.00 -2.60 -32.88
N LEU A 172 39.78 -2.69 -31.81
CA LEU A 172 39.39 -2.16 -30.53
C LEU A 172 39.29 -0.65 -30.64
N LEU A 173 40.32 0.01 -31.18
CA LEU A 173 40.28 1.45 -31.33
C LEU A 173 39.16 1.91 -32.28
N PHE A 174 38.82 1.11 -33.27
CA PHE A 174 37.75 1.49 -34.17
C PHE A 174 36.43 1.51 -33.39
N SER A 175 36.37 0.75 -32.31
CA SER A 175 35.16 0.32 -31.66
C SER A 175 34.83 1.07 -30.42
N LEU A 176 35.79 1.82 -29.89
CA LEU A 176 35.49 2.77 -28.84
C LEU A 176 34.59 3.81 -29.49
N THR A 177 34.90 4.20 -30.74
CA THR A 177 34.08 5.20 -31.44
C THR A 177 32.78 4.63 -32.03
N ASP A 178 32.88 3.54 -32.81
CA ASP A 178 31.69 2.82 -33.31
C ASP A 178 31.42 1.49 -32.56
N SER A 179 31.72 0.37 -33.24
CA SER A 179 31.36 -1.03 -32.88
C SER A 179 31.08 -1.29 -31.39
N MET A 180 31.96 -2.07 -30.75
CA MET A 180 31.87 -2.42 -29.34
C MET A 180 31.23 -1.34 -28.46
N GLU A 181 31.50 -0.07 -28.73
CA GLU A 181 31.04 0.97 -27.82
C GLU A 181 29.51 1.09 -27.69
N ASP A 182 28.78 1.17 -28.81
CA ASP A 182 27.30 1.13 -28.78
C ASP A 182 26.78 -0.17 -28.13
N GLU A 183 26.88 -0.21 -26.79
CA GLU A 183 26.73 -1.40 -25.91
C GLU A 183 27.79 -2.50 -26.12
N ASP A 184 28.68 -2.62 -25.12
CA ASP A 184 29.95 -3.37 -25.26
C ASP A 184 29.84 -4.80 -25.82
N ALA A 185 30.76 -5.11 -26.73
CA ALA A 185 30.72 -6.32 -27.57
C ALA A 185 31.05 -7.62 -26.81
N ALA A 186 30.45 -8.73 -27.29
CA ALA A 186 30.77 -10.08 -26.81
C ALA A 186 32.20 -10.47 -27.19
N CYS A 187 32.61 -10.03 -28.38
CA CYS A 187 33.96 -10.25 -28.96
C CYS A 187 34.59 -11.63 -28.68
N GLY A 188 33.95 -12.69 -29.18
CA GLY A 188 34.48 -14.05 -29.08
C GLY A 188 35.50 -14.30 -30.17
N GLY A 189 36.30 -15.35 -30.01
CA GLY A 189 37.35 -15.73 -30.99
C GLY A 189 38.71 -15.04 -30.86
N GLN A 190 38.75 -13.97 -30.05
CA GLN A 190 39.93 -13.13 -29.66
C GLN A 190 39.80 -11.64 -30.00
N GLY A 191 38.77 -11.33 -30.80
CA GLY A 191 38.51 -9.97 -31.25
C GLY A 191 38.30 -9.89 -32.75
N GLN A 192 37.17 -10.42 -33.23
CA GLN A 192 36.72 -10.20 -34.62
C GLN A 192 35.72 -9.05 -34.74
N LEU A 193 35.32 -8.75 -35.97
CA LEU A 193 34.24 -7.79 -36.20
C LEU A 193 32.95 -8.45 -35.80
N SER A 194 32.01 -7.66 -35.30
CA SER A 194 30.68 -8.20 -35.09
C SER A 194 30.08 -8.52 -36.46
N THR A 195 29.25 -9.56 -36.50
CA THR A 195 28.52 -9.98 -37.70
C THR A 195 27.89 -8.82 -38.43
N VAL A 196 27.23 -7.94 -37.67
CA VAL A 196 26.52 -6.79 -38.23
C VAL A 196 27.47 -5.82 -38.90
N LEU A 197 28.60 -5.55 -38.27
CA LEU A 197 29.57 -4.66 -38.82
C LEU A 197 30.28 -5.33 -40.01
N LEU A 198 30.77 -6.54 -39.81
CA LEU A 198 31.30 -7.29 -40.94
C LEU A 198 30.41 -7.22 -42.19
N VAL A 199 29.10 -7.41 -42.05
CA VAL A 199 28.24 -7.48 -43.23
C VAL A 199 27.98 -6.10 -43.80
N ASN A 200 27.90 -5.07 -42.94
CA ASN A 200 27.40 -3.76 -43.37
C ASN A 200 28.38 -2.60 -43.38
N LEU A 201 29.49 -2.69 -42.65
CA LEU A 201 30.35 -1.52 -42.50
C LEU A 201 30.76 -0.96 -43.85
N GLY A 202 31.21 -1.83 -44.75
CA GLY A 202 31.58 -1.42 -46.09
C GLY A 202 30.53 -0.64 -46.85
N ARG A 203 29.26 -0.83 -46.53
CA ARG A 203 28.14 -0.14 -47.23
C ARG A 203 27.59 1.04 -46.45
N MET A 204 28.01 1.25 -45.21
CA MET A 204 27.32 2.19 -44.35
C MET A 204 27.70 3.56 -44.76
N GLU A 205 26.74 4.48 -44.70
CA GLU A 205 26.99 5.87 -44.96
C GLU A 205 26.76 6.59 -43.63
N PHE A 206 27.76 7.31 -43.11
CA PHE A 206 27.61 7.92 -41.80
C PHE A 206 27.12 9.37 -41.86
N PRO A 207 26.61 9.93 -40.75
CA PRO A 207 26.23 11.34 -40.82
C PRO A 207 27.46 12.20 -40.98
N SER A 208 27.32 13.38 -41.57
CA SER A 208 28.49 14.25 -41.64
C SER A 208 28.61 15.13 -40.41
N TYR A 209 29.83 15.29 -39.95
CA TYR A 209 30.16 16.10 -38.79
C TYR A 209 31.64 16.43 -38.97
N THR A 210 32.22 17.22 -38.08
CA THR A 210 33.59 17.63 -38.26
C THR A 210 34.38 16.93 -37.17
N ILE A 211 35.37 16.12 -37.57
CA ILE A 211 36.26 15.52 -36.59
C ILE A 211 37.02 16.65 -35.95
N ASN A 212 36.99 16.71 -34.63
CA ASN A 212 37.80 17.66 -33.91
C ASN A 212 38.18 17.05 -32.60
N ARG A 213 39.46 16.75 -32.44
CA ARG A 213 39.95 16.15 -31.22
C ARG A 213 41.09 16.92 -30.60
N LYS A 214 41.09 17.02 -29.28
CA LYS A 214 42.11 17.80 -28.62
C LYS A 214 42.80 17.04 -27.47
N THR A 215 42.34 15.84 -27.13
CA THR A 215 42.80 15.14 -25.93
C THR A 215 43.17 13.68 -26.18
N HIS A 216 44.28 13.22 -25.60
CA HIS A 216 44.68 11.82 -25.69
C HIS A 216 43.89 10.95 -24.72
N ILE A 217 43.53 9.74 -25.15
CA ILE A 217 42.80 8.82 -24.29
C ILE A 217 43.81 7.90 -23.62
N PHE A 218 44.74 7.41 -24.43
CA PHE A 218 45.75 6.49 -23.94
C PHE A 218 47.10 7.19 -23.82
N GLN A 219 47.82 6.89 -22.75
CA GLN A 219 49.13 7.50 -22.51
C GLN A 219 50.18 7.11 -23.55
N ASP A 220 50.20 5.82 -23.86
CA ASP A 220 51.11 5.28 -24.83
C ASP A 220 50.71 3.82 -25.08
N ARG A 221 51.43 3.18 -25.99
CA ARG A 221 51.17 1.81 -26.39
C ARG A 221 50.91 0.90 -25.17
N ASP A 222 51.57 1.21 -24.07
CA ASP A 222 51.49 0.36 -22.90
C ASP A 222 50.13 0.48 -22.23
N ASP A 223 49.66 1.73 -22.17
CA ASP A 223 48.34 2.06 -21.64
C ASP A 223 47.26 1.30 -22.41
N LEU A 224 47.27 1.50 -23.73
CA LEU A 224 46.32 0.83 -24.61
C LEU A 224 46.35 -0.67 -24.41
N ILE A 225 47.52 -1.22 -24.10
CA ILE A 225 47.60 -2.67 -23.95
C ILE A 225 46.94 -3.10 -22.65
N ARG A 226 47.22 -2.37 -21.56
CA ARG A 226 46.56 -2.62 -20.24
C ARG A 226 45.02 -2.55 -20.37
N TYR A 227 44.53 -1.53 -21.10
CA TYR A 227 43.10 -1.38 -21.37
C TYR A 227 42.53 -2.60 -22.10
N ALA A 228 43.08 -2.86 -23.28
CA ALA A 228 42.74 -4.06 -24.03
C ALA A 228 42.59 -5.27 -23.14
N ALA A 229 43.51 -5.42 -22.19
CA ALA A 229 43.58 -6.62 -21.34
C ALA A 229 42.44 -6.66 -20.36
N ALA A 230 42.12 -5.50 -19.82
CA ALA A 230 40.99 -5.35 -18.91
C ALA A 230 39.70 -5.68 -19.67
N THR A 231 39.61 -5.13 -20.87
CA THR A 231 38.51 -5.43 -21.78
C THR A 231 38.32 -6.94 -21.98
N HIS A 232 39.40 -7.66 -22.25
CA HIS A 232 39.30 -9.11 -22.47
C HIS A 232 38.87 -9.83 -21.20
N MET A 233 39.39 -9.33 -20.07
CA MET A 233 39.06 -9.89 -18.77
C MET A 233 37.56 -9.78 -18.51
N LEU A 234 37.06 -8.55 -18.62
CA LEU A 234 35.64 -8.24 -18.47
C LEU A 234 34.79 -9.08 -19.37
N SER A 235 35.18 -9.16 -20.62
CA SER A 235 34.42 -10.00 -21.55
C SER A 235 34.32 -11.47 -21.09
N ASP A 236 35.42 -12.01 -20.57
CA ASP A 236 35.44 -13.40 -20.12
C ASP A 236 34.56 -13.61 -18.91
N ILE A 237 34.71 -12.71 -17.94
CA ILE A 237 33.90 -12.72 -16.74
C ILE A 237 32.44 -12.69 -17.12
N SER A 238 32.08 -11.84 -18.08
CA SER A 238 30.71 -11.74 -18.52
C SER A 238 30.24 -13.06 -19.09
N SER A 239 31.08 -13.64 -19.94
CA SER A 239 30.77 -14.87 -20.64
C SER A 239 30.60 -16.01 -19.64
N ALA A 240 31.50 -16.08 -18.65
CA ALA A 240 31.38 -17.03 -17.56
C ALA A 240 29.96 -16.97 -16.99
N MET A 241 29.59 -15.80 -16.48
CA MET A 241 28.27 -15.53 -15.92
C MET A 241 27.15 -15.90 -16.86
N ALA A 242 27.24 -15.47 -18.11
CA ALA A 242 26.21 -15.79 -19.10
C ALA A 242 25.97 -17.32 -19.17
N ASN A 243 27.00 -18.09 -18.86
CA ASN A 243 26.94 -19.54 -18.97
C ASN A 243 26.72 -20.21 -17.61
N GLY A 244 26.21 -19.44 -16.66
CA GLY A 244 26.04 -19.92 -15.30
C GLY A 244 27.29 -20.49 -14.61
N ASN A 245 28.48 -20.17 -15.10
CA ASN A 245 29.71 -20.68 -14.49
C ASN A 245 30.24 -19.74 -13.42
N TRP A 246 29.45 -19.61 -12.35
CA TRP A 246 29.68 -18.59 -11.35
C TRP A 246 31.00 -18.73 -10.59
N GLU A 247 31.40 -19.97 -10.28
CA GLU A 247 32.65 -20.22 -9.56
C GLU A 247 33.84 -19.75 -10.38
N GLU A 248 33.78 -20.01 -11.68
CA GLU A 248 34.81 -19.54 -12.61
C GLU A 248 34.82 -18.02 -12.62
N ALA A 249 33.63 -17.46 -12.81
CA ALA A 249 33.46 -16.02 -12.81
C ALA A 249 34.08 -15.37 -11.57
N LYS A 250 33.73 -15.89 -10.39
CA LYS A 250 34.26 -15.41 -9.12
C LYS A 250 35.78 -15.33 -9.18
N GLU A 251 36.38 -16.43 -9.58
CA GLU A 251 37.83 -16.54 -9.55
C GLU A 251 38.46 -15.47 -10.43
N LEU A 252 37.92 -15.36 -11.64
CA LEU A 252 38.38 -14.37 -12.60
C LEU A 252 38.29 -12.96 -12.03
N ALA A 253 37.13 -12.67 -11.43
CA ALA A 253 36.88 -11.36 -10.83
C ALA A 253 37.94 -11.05 -9.78
N GLN A 254 38.10 -11.98 -8.85
CA GLN A 254 39.12 -11.91 -7.79
C GLN A 254 40.51 -11.67 -8.37
N CYS A 255 40.81 -12.39 -9.44
CA CYS A 255 42.07 -12.22 -10.09
C CYS A 255 42.18 -10.81 -10.66
N ALA A 256 41.12 -10.38 -11.36
CA ALA A 256 41.05 -9.04 -11.93
C ALA A 256 41.11 -7.99 -10.83
N LYS A 257 40.48 -8.29 -9.69
CA LYS A 257 40.54 -7.36 -8.57
C LYS A 257 41.98 -7.12 -8.14
N ARG A 258 42.79 -8.18 -8.07
CA ARG A 258 44.20 -8.03 -7.70
C ARG A 258 45.00 -7.19 -8.70
N ASP A 259 44.89 -7.52 -9.99
CA ASP A 259 45.56 -6.75 -11.04
C ASP A 259 45.33 -5.25 -10.92
N TRP A 260 44.06 -4.87 -10.71
CA TRP A 260 43.68 -3.45 -10.59
C TRP A 260 44.28 -2.80 -9.36
N ASN A 261 44.51 -3.60 -8.33
CA ASN A 261 45.20 -3.13 -7.14
C ASN A 261 46.70 -2.99 -7.34
N ARG A 262 47.26 -3.84 -8.20
CA ARG A 262 48.66 -3.77 -8.56
C ARG A 262 48.95 -2.53 -9.40
N LEU A 263 47.94 -2.07 -10.14
CA LEU A 263 48.11 -0.89 -11.00
C LEU A 263 47.91 0.43 -10.27
N LYS A 264 47.51 0.37 -9.00
CA LYS A 264 47.33 1.58 -8.19
C LYS A 264 48.62 2.38 -8.15
N ASN A 265 48.49 3.70 -8.10
CA ASN A 265 49.65 4.60 -8.10
C ASN A 265 50.35 4.81 -9.44
N HIS A 266 50.19 3.87 -10.38
CA HIS A 266 50.76 4.01 -11.73
C HIS A 266 50.49 5.39 -12.32
N PRO A 267 51.51 6.01 -12.93
CA PRO A 267 51.35 7.41 -13.32
C PRO A 267 50.20 7.67 -14.32
N SER A 268 49.82 6.67 -15.11
CA SER A 268 48.85 6.87 -16.18
C SER A 268 47.49 7.27 -15.61
N LEU A 269 47.12 6.64 -14.49
CA LEU A 269 45.84 6.91 -13.85
C LEU A 269 45.63 8.39 -13.51
N ARG A 270 46.72 9.15 -13.37
CA ARG A 270 46.59 10.57 -13.09
C ARG A 270 45.91 11.29 -14.24
N CYS A 271 46.27 10.93 -15.46
CA CYS A 271 45.70 11.55 -16.66
C CYS A 271 44.28 11.04 -16.92
N HIS A 272 44.07 9.75 -16.68
CA HIS A 272 42.74 9.16 -16.84
C HIS A 272 41.74 9.92 -15.98
N GLU A 273 42.04 10.04 -14.69
CA GLU A 273 41.17 10.72 -13.72
C GLU A 273 40.77 12.10 -14.20
N ASP A 274 41.59 12.66 -15.08
CA ASP A 274 41.49 14.03 -15.47
C ASP A 274 40.76 14.21 -16.81
N LEU A 275 40.43 13.09 -17.46
CA LEU A 275 39.62 13.10 -18.68
C LEU A 275 38.15 13.39 -18.37
N PRO A 276 37.44 14.04 -19.32
CA PRO A 276 35.99 14.20 -19.18
C PRO A 276 35.30 12.84 -19.20
N LEU A 277 34.21 12.76 -18.45
CA LEU A 277 33.43 11.53 -18.34
C LEU A 277 33.25 10.81 -19.69
N PHE A 278 32.84 11.51 -20.75
CA PHE A 278 32.63 10.84 -22.02
C PHE A 278 33.88 10.19 -22.62
N LEU A 279 35.06 10.51 -22.09
CA LEU A 279 36.29 9.79 -22.45
C LEU A 279 36.71 8.84 -21.33
N ARG A 280 36.48 9.25 -20.09
CA ARG A 280 36.96 8.47 -18.97
C ARG A 280 36.43 7.05 -18.99
N CYS A 281 35.37 6.81 -19.76
CA CYS A 281 34.86 5.45 -19.90
C CYS A 281 35.83 4.53 -20.67
N PHE A 282 36.81 5.14 -21.36
CA PHE A 282 37.80 4.37 -22.11
C PHE A 282 39.17 4.27 -21.42
N THR A 283 39.17 3.88 -20.15
CA THR A 283 40.38 3.83 -19.35
C THR A 283 40.41 2.51 -18.59
N VAL A 284 41.60 2.04 -18.25
CA VAL A 284 41.69 0.80 -17.44
C VAL A 284 40.80 0.88 -16.22
N GLY A 285 40.90 2.01 -15.51
CA GLY A 285 40.10 2.23 -14.33
C GLY A 285 38.63 1.95 -14.53
N TRP A 286 38.05 2.60 -15.53
CA TRP A 286 36.64 2.44 -15.83
C TRP A 286 36.33 0.99 -15.99
N ILE A 287 37.08 0.33 -16.86
CA ILE A 287 36.84 -1.09 -17.12
C ILE A 287 36.96 -1.97 -15.85
N TYR A 288 37.91 -1.69 -14.97
CA TYR A 288 38.05 -2.48 -13.74
C TYR A 288 36.87 -2.26 -12.81
N THR A 289 36.43 -1.01 -12.72
CA THR A 289 35.23 -0.69 -11.99
C THR A 289 34.07 -1.46 -12.58
N ARG A 290 33.94 -1.44 -13.91
CA ARG A 290 32.88 -2.20 -14.53
C ARG A 290 32.99 -3.67 -14.13
N ILE A 291 34.22 -4.19 -14.09
CA ILE A 291 34.48 -5.56 -13.60
C ILE A 291 34.05 -5.76 -12.12
N LEU A 292 34.50 -4.84 -11.25
CA LEU A 292 34.07 -4.83 -9.84
C LEU A 292 32.57 -4.84 -9.67
N SER A 293 31.84 -4.15 -10.56
CA SER A 293 30.37 -4.25 -10.63
C SER A 293 29.84 -5.66 -10.89
N ARG A 294 30.42 -6.34 -11.87
CA ARG A 294 29.98 -7.70 -12.16
C ARG A 294 30.33 -8.58 -10.97
N PHE A 295 31.41 -8.22 -10.29
CA PHE A 295 31.82 -8.93 -9.10
C PHE A 295 30.73 -8.93 -8.02
N VAL A 296 30.18 -7.77 -7.66
CA VAL A 296 29.01 -7.77 -6.76
C VAL A 296 27.86 -8.64 -7.31
N GLU A 297 27.55 -8.55 -8.60
CA GLU A 297 26.53 -9.43 -9.15
C GLU A 297 26.87 -10.89 -8.86
N ILE A 298 28.13 -11.26 -9.09
CA ILE A 298 28.60 -12.65 -8.93
C ILE A 298 28.48 -13.08 -7.46
N LEU A 299 29.00 -12.23 -6.56
CA LEU A 299 28.93 -12.48 -5.13
C LEU A 299 27.46 -12.71 -4.72
N GLN A 300 26.57 -11.82 -5.16
CA GLN A 300 25.16 -11.91 -4.81
C GLN A 300 24.54 -13.21 -5.23
N ARG A 301 24.86 -13.68 -6.43
CA ARG A 301 24.33 -14.95 -6.95
C ARG A 301 24.82 -16.13 -6.11
N LEU A 302 26.06 -16.04 -5.63
CA LEU A 302 26.60 -17.04 -4.71
C LEU A 302 26.14 -16.76 -3.28
N HIS A 303 25.12 -15.93 -3.14
CA HIS A 303 24.58 -15.57 -1.82
C HIS A 303 25.64 -15.15 -0.83
N MET A 304 26.68 -14.46 -1.29
CA MET A 304 27.72 -13.98 -0.41
C MET A 304 27.51 -12.52 -0.10
N TYR A 305 26.37 -12.20 0.51
CA TYR A 305 25.89 -10.84 0.64
C TYR A 305 26.76 -9.88 1.46
N GLU A 306 27.47 -10.39 2.47
CA GLU A 306 28.33 -9.54 3.31
C GLU A 306 29.40 -8.93 2.42
N GLU A 307 29.90 -9.76 1.51
CA GLU A 307 30.99 -9.41 0.62
C GLU A 307 30.48 -8.46 -0.44
N ALA A 308 29.38 -8.85 -1.08
CA ALA A 308 28.68 -7.96 -1.99
C ALA A 308 28.58 -6.55 -1.40
N VAL A 309 28.07 -6.43 -0.17
CA VAL A 309 27.98 -5.11 0.49
C VAL A 309 29.34 -4.38 0.56
N ARG A 310 30.39 -5.10 0.93
CA ARG A 310 31.74 -4.52 1.03
C ARG A 310 32.17 -3.92 -0.30
N GLU A 311 31.98 -4.70 -1.37
CA GLU A 311 32.33 -4.25 -2.71
C GLU A 311 31.51 -3.03 -3.11
N LEU A 312 30.21 -3.09 -2.85
CA LEU A 312 29.32 -1.98 -3.15
C LEU A 312 29.80 -0.71 -2.45
N GLU A 313 30.26 -0.86 -1.20
CA GLU A 313 30.68 0.29 -0.40
C GLU A 313 31.93 0.88 -1.00
N SER A 314 32.80 -0.01 -1.49
CA SER A 314 34.05 0.40 -2.14
C SER A 314 33.71 1.19 -3.36
N LEU A 315 32.87 0.59 -4.20
CA LEU A 315 32.43 1.21 -5.43
C LEU A 315 31.87 2.61 -5.13
N LEU A 316 30.92 2.68 -4.19
CA LEU A 316 30.28 3.96 -3.87
C LEU A 316 31.25 5.00 -3.30
N SER A 317 32.25 4.53 -2.56
CA SER A 317 33.22 5.44 -1.93
C SER A 317 34.12 6.24 -2.87
N GLN A 318 34.14 5.92 -4.16
CA GLN A 318 34.91 6.75 -5.14
C GLN A 318 33.98 7.40 -6.17
N ARG A 319 34.39 8.53 -6.72
CA ARG A 319 33.54 9.21 -7.70
C ARG A 319 34.22 9.33 -9.08
N ILE A 320 35.40 8.73 -9.21
CA ILE A 320 36.19 8.76 -10.44
C ILE A 320 35.56 7.95 -11.59
N TYR A 321 35.16 6.71 -11.29
CA TYR A 321 34.72 5.79 -12.32
C TYR A 321 33.24 5.42 -12.24
N CYS A 322 32.56 5.42 -13.38
CA CYS A 322 31.17 4.93 -13.47
C CYS A 322 30.16 5.62 -12.57
N PRO A 323 30.15 6.98 -12.53
CA PRO A 323 29.14 7.66 -11.73
C PRO A 323 27.71 7.30 -12.16
N ASP A 324 27.50 6.99 -13.44
CA ASP A 324 26.19 6.58 -13.87
C ASP A 324 25.70 5.30 -13.21
N SER A 325 26.62 4.50 -12.70
CA SER A 325 26.24 3.26 -12.05
C SER A 325 25.80 3.41 -10.59
N ARG A 326 26.02 4.60 -10.01
CA ARG A 326 25.79 4.77 -8.58
C ARG A 326 24.34 4.46 -8.19
N GLY A 327 23.38 4.92 -8.99
CA GLY A 327 21.97 4.62 -8.76
C GLY A 327 21.70 3.14 -8.58
N ARG A 328 22.22 2.33 -9.53
CA ARG A 328 22.16 0.88 -9.41
C ARG A 328 22.91 0.42 -8.18
N TRP A 329 24.10 0.94 -7.95
CA TRP A 329 24.83 0.49 -6.75
C TRP A 329 24.06 0.73 -5.46
N TRP A 330 23.73 2.01 -5.17
CA TRP A 330 22.93 2.41 -4.00
C TRP A 330 21.69 1.54 -3.82
N ASP A 331 20.89 1.42 -4.88
CA ASP A 331 19.69 0.60 -4.88
C ASP A 331 20.02 -0.80 -4.42
N ARG A 332 21.20 -1.27 -4.81
CA ARG A 332 21.60 -2.66 -4.63
C ARG A 332 22.15 -2.85 -3.21
N LEU A 333 22.97 -1.90 -2.78
CA LEU A 333 23.39 -1.81 -1.39
C LEU A 333 22.18 -1.88 -0.46
N ALA A 334 21.26 -0.91 -0.62
CA ALA A 334 20.00 -0.88 0.11
C ALA A 334 19.31 -2.25 0.11
N LEU A 335 18.99 -2.78 -1.06
CA LEU A 335 18.32 -4.09 -1.13
C LEU A 335 19.05 -5.12 -0.30
N ASN A 336 20.37 -5.15 -0.38
CA ASN A 336 21.17 -6.16 0.36
C ASN A 336 21.11 -5.98 1.89
N LEU A 337 21.33 -4.76 2.34
CA LEU A 337 21.23 -4.40 3.76
C LEU A 337 19.82 -4.68 4.29
N HIS A 338 18.80 -4.29 3.55
CA HIS A 338 17.44 -4.49 3.99
C HIS A 338 17.00 -5.96 3.95
N GLN A 339 17.12 -6.61 2.80
CA GLN A 339 16.53 -7.93 2.64
C GLN A 339 17.35 -9.11 3.05
N HIS A 340 18.67 -8.98 2.95
CA HIS A 340 19.55 -10.11 3.15
C HIS A 340 20.28 -10.04 4.47
N LEU A 341 20.98 -8.92 4.71
CA LEU A 341 21.65 -8.71 5.99
C LEU A 341 20.70 -8.22 7.10
N LYS A 342 19.44 -7.96 6.73
CA LYS A 342 18.37 -7.57 7.66
C LYS A 342 18.80 -6.50 8.68
N ARG A 343 19.46 -5.45 8.22
CA ARG A 343 20.10 -4.47 9.08
C ARG A 343 19.51 -3.07 8.87
N LEU A 344 18.37 -2.81 9.52
CA LEU A 344 17.49 -1.65 9.25
C LEU A 344 18.10 -0.26 9.49
N GLU A 345 19.05 -0.15 10.40
CA GLU A 345 19.69 1.14 10.62
C GLU A 345 20.45 1.56 9.36
N PRO A 346 21.50 0.79 8.95
CA PRO A 346 22.28 1.20 7.77
C PRO A 346 21.40 1.33 6.53
N THR A 347 20.49 0.39 6.33
CA THR A 347 19.50 0.50 5.25
C THR A 347 18.96 1.93 5.16
N ILE A 348 18.68 2.57 6.31
CA ILE A 348 18.16 3.93 6.29
C ILE A 348 19.25 4.95 5.90
N LYS A 349 20.44 4.83 6.49
CA LYS A 349 21.57 5.72 6.14
C LYS A 349 21.88 5.63 4.66
N CYS A 350 21.87 4.40 4.17
CA CYS A 350 22.11 4.08 2.78
C CYS A 350 21.08 4.80 1.88
N ILE A 351 19.79 4.52 2.10
CA ILE A 351 18.75 5.22 1.36
C ILE A 351 18.95 6.75 1.37
N THR A 352 19.32 7.33 2.51
CA THR A 352 19.40 8.80 2.62
C THR A 352 20.54 9.38 1.80
N GLU A 353 21.71 8.75 1.88
CA GLU A 353 22.88 9.19 1.12
C GLU A 353 22.65 8.96 -0.37
N GLY A 354 22.03 7.82 -0.68
CA GLY A 354 21.58 7.50 -2.02
C GLY A 354 20.75 8.61 -2.63
N LEU A 355 19.64 8.95 -1.95
CA LEU A 355 18.79 10.05 -2.40
C LEU A 355 19.53 11.40 -2.42
N ALA A 356 20.53 11.57 -1.58
CA ALA A 356 21.24 12.85 -1.56
C ALA A 356 22.23 12.98 -2.72
N ASP A 357 22.33 11.92 -3.52
CA ASP A 357 23.34 11.79 -4.60
C ASP A 357 22.81 12.27 -5.95
N PRO A 358 23.33 13.40 -6.44
CA PRO A 358 22.85 13.97 -7.69
C PRO A 358 23.04 13.02 -8.89
N GLU A 359 23.75 11.92 -8.66
CA GLU A 359 24.01 10.99 -9.73
C GLU A 359 22.92 9.95 -9.86
N VAL A 360 22.14 9.70 -8.79
CA VAL A 360 21.08 8.70 -8.89
C VAL A 360 19.89 9.39 -9.53
N ARG A 361 19.04 8.62 -10.22
CA ARG A 361 18.09 9.20 -11.19
C ARG A 361 16.88 8.33 -11.50
N THR A 362 15.94 8.93 -12.21
CA THR A 362 14.71 8.24 -12.67
C THR A 362 14.43 6.93 -11.90
N GLY A 363 14.58 5.80 -12.59
CA GLY A 363 14.22 4.51 -12.03
C GLY A 363 14.73 4.25 -10.62
N HIS A 364 16.04 4.34 -10.42
CA HIS A 364 16.66 3.93 -9.14
C HIS A 364 16.32 4.90 -8.03
N ARG A 365 16.30 6.18 -8.38
CA ARG A 365 15.86 7.23 -7.48
C ARG A 365 14.48 6.88 -6.90
N LEU A 366 13.55 6.52 -7.76
CA LEU A 366 12.21 6.13 -7.34
C LEU A 366 12.23 4.89 -6.48
N SER A 367 12.95 3.88 -6.93
CA SER A 367 13.09 2.62 -6.17
C SER A 367 13.63 2.82 -4.74
N LEU A 368 14.59 3.74 -4.57
CA LEU A 368 15.10 4.10 -3.26
C LEU A 368 14.05 4.84 -2.45
N TYR A 369 13.38 5.80 -3.07
CA TYR A 369 12.29 6.51 -2.42
C TYR A 369 11.19 5.57 -1.90
N GLN A 370 10.70 4.70 -2.76
CA GLN A 370 9.70 3.75 -2.34
C GLN A 370 10.18 2.91 -1.19
N ARG A 371 11.44 2.51 -1.18
CA ARG A 371 11.97 1.69 -0.09
C ARG A 371 11.88 2.46 1.23
N ALA A 372 12.18 3.76 1.19
CA ALA A 372 12.10 4.61 2.37
C ALA A 372 10.68 4.62 2.96
N VAL A 373 9.67 4.86 2.13
CA VAL A 373 8.31 4.92 2.65
C VAL A 373 7.80 3.57 3.14
N ARG A 374 8.15 2.48 2.45
CA ARG A 374 7.84 1.13 2.93
C ARG A 374 8.43 0.89 4.33
N LEU A 375 9.63 1.41 4.55
CA LEU A 375 10.32 1.25 5.81
C LEU A 375 9.77 2.13 6.92
N ARG A 376 9.69 3.44 6.67
CA ARG A 376 9.32 4.39 7.72
C ARG A 376 7.91 4.12 8.22
N GLU A 377 7.10 3.57 7.34
CA GLU A 377 5.70 3.27 7.61
C GLU A 377 5.49 1.81 8.05
N SER A 378 6.49 1.25 8.72
CA SER A 378 6.46 -0.16 9.13
C SER A 378 6.64 -0.32 10.65
N PRO A 379 5.84 -1.23 11.28
CA PRO A 379 5.94 -1.54 12.70
C PRO A 379 7.36 -1.86 13.15
N SER A 380 7.93 -2.96 12.65
CA SER A 380 9.26 -3.43 13.05
C SER A 380 10.35 -2.39 12.78
N CYS A 381 9.92 -1.21 12.35
CA CYS A 381 10.82 -0.11 12.09
C CYS A 381 10.46 1.14 12.90
N LYS A 382 9.19 1.25 13.29
CA LYS A 382 8.64 2.43 14.00
C LYS A 382 9.49 3.00 15.16
N LYS A 383 10.42 2.19 15.67
CA LYS A 383 11.24 2.58 16.81
C LYS A 383 12.32 3.62 16.47
N PHE A 384 11.93 4.67 15.74
CA PHE A 384 12.85 5.68 15.22
C PHE A 384 12.07 6.82 14.53
N LYS A 385 12.71 7.97 14.36
CA LYS A 385 12.12 9.08 13.58
C LYS A 385 13.16 9.70 12.65
N HIS A 386 14.04 8.84 12.12
CA HIS A 386 15.16 9.26 11.28
C HIS A 386 14.84 9.25 9.77
N LEU A 387 13.68 8.71 9.39
CA LEU A 387 13.21 8.72 7.99
C LEU A 387 12.14 9.75 7.72
N PHE A 388 11.68 10.43 8.76
CA PHE A 388 10.82 11.61 8.58
C PHE A 388 11.70 12.73 8.02
N GLN A 389 13.01 12.52 8.08
CA GLN A 389 14.03 13.46 7.63
C GLN A 389 13.77 14.00 6.24
N GLN A 390 13.04 15.12 6.19
CA GLN A 390 12.88 15.93 4.97
C GLN A 390 13.04 15.14 3.67
N LEU A 391 12.20 14.11 3.50
CA LEU A 391 12.15 13.34 2.27
C LEU A 391 11.13 13.96 1.32
N PRO A 392 11.62 14.55 0.22
CA PRO A 392 10.77 15.15 -0.80
C PRO A 392 9.68 14.15 -1.20
N GLU A 393 8.42 14.57 -1.11
CA GLU A 393 7.29 13.68 -1.29
C GLU A 393 7.11 13.20 -2.74
N MET A 394 8.21 12.78 -3.35
CA MET A 394 8.30 12.40 -4.76
C MET A 394 7.34 11.27 -5.19
N ALA A 395 6.05 11.55 -5.11
CA ALA A 395 5.00 10.63 -5.56
C ALA A 395 4.92 10.63 -7.11
N VAL A 396 4.39 9.53 -7.68
CA VAL A 396 4.20 9.35 -9.14
C VAL A 396 2.70 9.17 -9.46
N GLN A 397 2.12 10.11 -10.23
CA GLN A 397 0.69 10.09 -10.57
C GLN A 397 0.27 8.79 -11.17
N ASP A 398 -0.88 8.28 -10.76
CA ASP A 398 -1.40 7.05 -11.30
C ASP A 398 -2.01 7.27 -12.69
N VAL A 399 -2.20 6.18 -13.42
CA VAL A 399 -2.56 6.23 -14.84
C VAL A 399 -3.70 5.25 -15.13
N LYS A 400 -4.54 5.56 -16.12
CA LYS A 400 -5.67 4.69 -16.48
C LYS A 400 -5.21 3.30 -16.90
N HIS A 401 -5.65 2.30 -16.15
CA HIS A 401 -5.45 0.91 -16.55
C HIS A 401 -6.69 0.38 -17.26
N VAL A 402 -6.49 -0.71 -18.01
CA VAL A 402 -7.53 -1.33 -18.82
C VAL A 402 -7.20 -2.82 -18.90
N THR A 403 -8.19 -3.62 -19.29
CA THR A 403 -7.95 -5.03 -19.52
C THR A 403 -8.67 -5.52 -20.78
N ILE A 404 -8.02 -6.45 -21.46
CA ILE A 404 -8.61 -7.21 -22.55
C ILE A 404 -8.21 -8.66 -22.35
N THR A 405 -8.72 -9.52 -23.22
CA THR A 405 -8.38 -10.94 -23.20
C THR A 405 -7.92 -11.40 -24.57
N GLY A 406 -7.20 -12.52 -24.57
CA GLY A 406 -6.73 -13.14 -25.79
C GLY A 406 -6.34 -14.55 -25.47
N ARG A 407 -6.77 -15.49 -26.32
CA ARG A 407 -6.56 -16.91 -26.06
C ARG A 407 -5.09 -17.29 -26.19
N LEU A 408 -4.53 -17.74 -25.07
CA LEU A 408 -3.11 -18.09 -24.98
C LEU A 408 -2.82 -19.41 -25.69
N CYS A 409 -1.77 -19.42 -26.51
CA CYS A 409 -1.32 -20.67 -27.12
C CYS A 409 -0.20 -21.30 -26.30
N LYS A 416 8.90 -15.87 -24.67
CA LYS A 416 7.97 -14.84 -25.15
C LYS A 416 6.62 -15.45 -25.45
N SER A 417 5.64 -15.17 -24.57
CA SER A 417 4.29 -15.73 -24.67
C SER A 417 3.65 -15.47 -26.03
N VAL A 418 3.23 -16.55 -26.69
CA VAL A 418 2.51 -16.45 -27.96
C VAL A 418 1.03 -16.67 -27.71
N PHE A 419 0.21 -15.82 -28.33
CA PHE A 419 -1.24 -15.89 -28.25
C PHE A 419 -1.84 -16.17 -29.64
N VAL A 420 -3.00 -16.80 -29.66
CA VAL A 420 -3.72 -17.02 -30.91
C VAL A 420 -4.85 -16.00 -31.00
N MET A 421 -4.93 -15.34 -32.15
CA MET A 421 -6.04 -14.44 -32.47
C MET A 421 -6.75 -14.89 -33.74
N VAL A 432 -4.31 -16.80 -36.39
CA VAL A 432 -2.89 -16.46 -36.42
C VAL A 432 -2.29 -16.38 -35.01
N LEU A 433 -1.02 -16.81 -34.89
CA LEU A 433 -0.23 -16.65 -33.67
C LEU A 433 0.36 -15.23 -33.60
N CYS A 434 0.43 -14.66 -32.40
CA CYS A 434 0.91 -13.28 -32.22
C CYS A 434 1.36 -12.98 -30.78
N SER A 435 2.06 -11.86 -30.62
CA SER A 435 2.51 -11.42 -29.30
C SER A 435 1.40 -10.73 -28.52
N VAL A 436 1.73 -10.43 -27.26
CA VAL A 436 0.86 -9.67 -26.36
C VAL A 436 0.57 -8.30 -26.93
N GLU A 437 1.61 -7.72 -27.53
CA GLU A 437 1.54 -6.38 -28.10
C GLU A 437 0.67 -6.36 -29.35
N GLU A 438 0.82 -7.36 -30.21
CA GLU A 438 -0.01 -7.49 -31.42
C GLU A 438 -1.48 -7.65 -31.06
N LEU A 439 -1.76 -8.36 -29.99
CA LEU A 439 -3.11 -8.58 -29.52
C LEU A 439 -3.76 -7.27 -29.09
N ALA A 440 -2.98 -6.42 -28.44
CA ALA A 440 -3.45 -5.11 -28.01
C ALA A 440 -3.68 -4.24 -29.22
N LEU A 441 -2.71 -4.23 -30.13
CA LEU A 441 -2.84 -3.49 -31.38
C LEU A 441 -4.18 -3.78 -32.06
N ALA A 442 -4.55 -5.07 -32.09
CA ALA A 442 -5.83 -5.48 -32.62
C ALA A 442 -6.97 -4.82 -31.86
N HIS A 443 -6.96 -4.94 -30.54
CA HIS A 443 -7.98 -4.28 -29.73
C HIS A 443 -8.11 -2.79 -30.09
N TYR A 444 -6.97 -2.12 -30.21
CA TYR A 444 -7.00 -0.68 -30.40
C TYR A 444 -7.48 -0.30 -31.80
N ARG A 445 -7.33 -1.25 -32.74
CA ARG A 445 -7.92 -1.09 -34.07
C ARG A 445 -9.45 -1.12 -34.02
N ARG A 446 -10.02 -2.11 -33.34
CA ARG A 446 -11.48 -2.17 -33.14
C ARG A 446 -11.99 -1.06 -32.21
N SER A 447 -11.12 -0.54 -31.35
CA SER A 447 -11.49 0.61 -30.53
C SER A 447 -11.41 1.92 -31.31
N GLY A 448 -11.02 1.87 -32.57
CA GLY A 448 -11.10 3.04 -33.45
C GLY A 448 -9.81 3.69 -33.88
N PHE A 449 -8.68 3.17 -33.42
CA PHE A 449 -7.38 3.74 -33.81
C PHE A 449 -6.83 2.88 -34.92
N ASP A 450 -6.98 3.35 -36.14
CA ASP A 450 -6.63 2.55 -37.32
C ASP A 450 -5.13 2.38 -37.46
N GLN A 451 -4.37 3.21 -36.76
CA GLN A 451 -2.91 3.20 -36.86
C GLN A 451 -2.22 2.81 -35.56
N GLY A 452 -1.01 2.26 -35.67
CA GLY A 452 -0.29 1.80 -34.49
C GLY A 452 1.11 1.31 -34.78
N ILE A 453 2.00 1.53 -33.83
CA ILE A 453 3.37 1.08 -33.96
C ILE A 453 3.80 0.49 -32.62
N HIS A 454 4.32 -0.74 -32.67
CA HIS A 454 4.98 -1.33 -31.52
C HIS A 454 6.47 -1.08 -31.67
N GLY A 455 6.97 -0.07 -30.96
CA GLY A 455 8.36 0.37 -31.12
C GLY A 455 9.05 0.75 -29.83
N GLU A 456 8.36 0.58 -28.70
CA GLU A 456 8.85 0.99 -27.37
C GLU A 456 9.63 2.32 -27.47
N GLY A 457 10.86 2.37 -26.99
CA GLY A 457 11.60 3.63 -27.06
C GLY A 457 12.10 4.10 -28.42
N SER A 458 12.09 3.26 -29.45
CA SER A 458 12.68 3.67 -30.72
C SER A 458 11.78 4.63 -31.49
N THR A 459 10.47 4.50 -31.30
CA THR A 459 9.56 5.47 -31.91
C THR A 459 9.91 6.91 -31.44
N PHE A 460 10.04 7.09 -30.14
CA PHE A 460 10.36 8.41 -29.61
C PHE A 460 11.76 8.81 -29.95
N SER A 461 12.65 7.85 -29.82
CA SER A 461 14.03 8.12 -30.07
C SER A 461 14.30 8.48 -31.54
N THR A 462 13.59 7.88 -32.48
CA THR A 462 13.84 8.26 -33.86
C THR A 462 13.17 9.61 -34.19
N LEU A 463 12.06 9.93 -33.53
CA LEU A 463 11.49 11.27 -33.65
C LEU A 463 12.47 12.31 -33.16
N TYR A 464 13.02 12.06 -31.97
CA TYR A 464 14.00 12.99 -31.37
C TYR A 464 15.19 13.22 -32.31
N GLY A 465 15.68 12.14 -32.92
CA GLY A 465 16.81 12.23 -33.81
C GLY A 465 16.45 12.99 -35.07
N LEU A 466 15.25 12.78 -35.56
CA LEU A 466 14.82 13.49 -36.74
C LEU A 466 14.68 15.00 -36.46
N LEU A 467 14.14 15.33 -35.29
CA LEU A 467 13.95 16.73 -34.94
C LEU A 467 15.20 17.46 -34.48
N LEU A 468 16.22 16.76 -33.97
CA LEU A 468 17.41 17.46 -33.47
C LEU A 468 18.71 17.09 -34.16
N TRP A 469 18.59 16.51 -35.34
CA TRP A 469 19.71 15.94 -36.04
C TRP A 469 20.87 16.87 -36.05
N ASP A 470 20.60 18.05 -36.57
CA ASP A 470 21.63 19.05 -36.85
C ASP A 470 22.29 19.57 -35.58
N ILE A 471 21.51 19.66 -34.50
CA ILE A 471 22.07 19.94 -33.18
C ILE A 471 22.96 18.78 -32.68
N ILE A 472 22.43 17.56 -32.74
CA ILE A 472 23.15 16.31 -32.40
C ILE A 472 24.52 16.20 -33.13
N PHE A 473 24.56 16.53 -34.41
CA PHE A 473 25.81 16.48 -35.16
C PHE A 473 26.54 17.84 -35.32
N MET A 474 26.19 18.77 -34.43
CA MET A 474 26.73 20.13 -34.35
C MET A 474 28.26 20.16 -34.21
N ASP A 475 28.87 21.20 -34.78
CA ASP A 475 30.30 21.47 -34.59
C ASP A 475 30.52 22.17 -33.26
N GLY A 476 31.79 22.34 -32.89
CA GLY A 476 32.09 23.20 -31.78
C GLY A 476 32.35 22.58 -30.43
N ILE A 477 32.16 21.27 -30.31
CA ILE A 477 32.44 20.61 -29.04
C ILE A 477 33.66 19.71 -29.18
N PRO A 478 34.81 20.14 -28.61
CA PRO A 478 36.04 19.37 -28.83
C PRO A 478 35.91 17.94 -28.29
N ASP A 479 36.56 17.00 -28.95
CA ASP A 479 36.64 15.60 -28.52
C ASP A 479 35.44 14.69 -28.75
N VAL A 480 34.28 15.25 -29.04
CA VAL A 480 33.09 14.39 -29.26
C VAL A 480 33.09 13.61 -30.57
N PHE A 481 33.79 14.10 -31.59
CA PHE A 481 33.92 13.38 -32.86
C PHE A 481 35.38 13.09 -33.17
N ARG A 482 35.80 11.86 -32.94
CA ARG A 482 37.22 11.53 -33.07
C ARG A 482 37.58 10.86 -34.37
N ASN A 483 36.60 10.25 -35.03
CA ASN A 483 36.86 9.74 -36.37
C ASN A 483 35.67 9.60 -37.28
N ALA A 484 35.93 9.03 -38.46
CA ALA A 484 35.03 9.06 -39.61
C ALA A 484 33.75 8.24 -39.49
N CYS A 485 33.78 7.22 -38.63
CA CYS A 485 32.68 6.27 -38.60
C CYS A 485 31.81 6.28 -37.36
N GLN A 486 31.58 7.45 -36.74
CA GLN A 486 30.64 7.58 -35.62
C GLN A 486 29.16 7.73 -36.03
N ALA A 487 28.27 7.08 -35.30
CA ALA A 487 26.83 7.31 -35.45
C ALA A 487 26.27 8.19 -34.32
N PHE A 488 27.17 8.78 -33.53
CA PHE A 488 26.74 9.72 -32.52
C PHE A 488 27.92 10.48 -31.94
N PRO A 489 27.71 11.70 -31.44
CA PRO A 489 28.78 12.37 -30.70
C PRO A 489 29.13 11.58 -29.42
N LEU A 490 30.39 11.46 -29.07
CA LEU A 490 30.70 10.60 -27.94
C LEU A 490 30.09 11.01 -26.60
N ASP A 491 29.52 12.21 -26.50
CA ASP A 491 28.96 12.61 -25.20
C ASP A 491 27.44 12.47 -25.13
N LEU A 492 26.85 11.90 -26.18
CA LEU A 492 25.39 11.76 -26.33
C LEU A 492 24.69 11.26 -25.06
N CYS A 493 25.32 10.30 -24.38
CA CYS A 493 24.79 9.70 -23.15
C CYS A 493 25.47 10.22 -21.86
N THR A 494 25.81 11.49 -21.85
CA THR A 494 26.48 12.11 -20.73
C THR A 494 25.66 13.30 -20.30
N ASP A 495 25.76 13.69 -19.03
CA ASP A 495 25.18 14.96 -18.61
C ASP A 495 25.70 16.11 -19.48
N SER A 496 26.89 15.93 -20.06
CA SER A 496 27.49 17.02 -20.78
C SER A 496 26.87 17.27 -22.15
N PHE A 497 26.04 16.34 -22.64
CA PHE A 497 25.53 16.52 -24.01
C PHE A 497 24.69 17.77 -24.08
N PHE A 498 23.74 17.85 -23.15
CA PHE A 498 22.90 19.01 -22.98
C PHE A 498 23.74 20.22 -22.67
N THR A 499 24.59 20.13 -21.64
CA THR A 499 25.24 21.31 -21.09
C THR A 499 26.18 21.92 -22.11
N SER A 500 26.82 21.08 -22.91
CA SER A 500 27.71 21.58 -23.96
C SER A 500 26.98 22.10 -25.16
N ARG A 501 25.65 22.11 -25.15
CA ARG A 501 24.87 22.62 -26.29
C ARG A 501 23.65 23.35 -25.75
N ARG A 502 23.79 23.97 -24.58
CA ARG A 502 22.63 24.58 -23.90
C ARG A 502 21.86 25.65 -24.70
N PRO A 503 22.53 26.70 -25.20
CA PRO A 503 21.82 27.67 -26.04
C PRO A 503 20.97 27.01 -27.13
N ALA A 504 21.62 26.22 -28.00
CA ALA A 504 20.97 25.63 -29.19
C ALA A 504 19.83 24.71 -28.83
N LEU A 505 20.00 23.93 -27.76
CA LEU A 505 18.94 23.04 -27.34
C LEU A 505 17.68 23.78 -26.90
N GLU A 506 17.86 24.69 -25.93
CA GLU A 506 16.79 25.55 -25.39
C GLU A 506 16.04 26.26 -26.51
N ALA A 507 16.80 26.77 -27.49
CA ALA A 507 16.22 27.29 -28.71
C ALA A 507 15.27 26.28 -29.32
N ARG A 508 15.81 25.17 -29.84
CA ARG A 508 15.00 24.19 -30.60
C ARG A 508 13.87 23.57 -29.76
N LEU A 509 14.13 23.30 -28.49
CA LEU A 509 13.09 22.72 -27.67
C LEU A 509 11.88 23.64 -27.61
N GLN A 510 12.16 24.93 -27.43
CA GLN A 510 11.16 25.99 -27.41
C GLN A 510 10.40 26.07 -28.75
N LEU A 511 11.15 26.16 -29.83
CA LEU A 511 10.57 26.17 -31.17
C LEU A 511 9.67 24.97 -31.46
N ILE A 512 9.93 23.84 -30.81
CA ILE A 512 9.13 22.63 -31.01
C ILE A 512 7.86 22.78 -30.20
N HIS A 513 8.01 23.15 -28.93
CA HIS A 513 6.87 23.42 -28.07
C HIS A 513 5.80 24.32 -28.71
N ASP A 514 6.23 25.42 -29.32
CA ASP A 514 5.34 26.38 -29.95
C ASP A 514 4.91 25.98 -31.38
N ALA A 515 5.64 25.08 -32.02
CA ALA A 515 5.40 24.76 -33.43
C ALA A 515 3.99 24.25 -33.76
N PRO A 516 3.43 24.71 -34.89
CA PRO A 516 2.20 24.14 -35.46
C PRO A 516 2.43 22.80 -36.16
N GLU A 517 1.37 22.00 -36.24
CA GLU A 517 1.45 20.69 -36.84
C GLU A 517 1.73 20.70 -38.35
N GLU A 518 2.44 21.72 -38.85
CA GLU A 518 2.89 21.75 -40.25
C GLU A 518 4.35 22.08 -40.23
N SER A 519 4.75 22.87 -39.24
CA SER A 519 6.16 23.08 -38.93
C SER A 519 6.84 21.72 -38.67
N LEU A 520 6.29 20.99 -37.70
CA LEU A 520 6.69 19.62 -37.42
C LEU A 520 6.74 18.75 -38.68
N ARG A 521 5.64 18.65 -39.43
CA ARG A 521 5.64 17.84 -40.65
C ARG A 521 6.81 18.21 -41.57
N ALA A 522 7.20 19.49 -41.59
CA ALA A 522 8.23 19.98 -42.52
C ALA A 522 9.62 19.70 -42.02
N TRP A 523 9.87 20.03 -40.75
CA TRP A 523 11.11 19.69 -40.07
C TRP A 523 11.49 18.19 -40.23
N VAL A 524 10.56 17.32 -39.83
CA VAL A 524 10.71 15.89 -40.03
C VAL A 524 11.12 15.57 -41.48
N ALA A 525 10.34 16.04 -42.47
CA ALA A 525 10.67 15.79 -43.88
C ALA A 525 12.02 16.37 -44.33
N ALA A 526 12.48 17.45 -43.67
CA ALA A 526 13.76 18.02 -44.03
C ALA A 526 14.84 16.98 -43.74
N THR A 527 14.92 16.56 -42.46
CA THR A 527 15.92 15.60 -41.99
C THR A 527 15.82 14.29 -42.76
N TRP A 528 14.58 13.82 -42.92
CA TRP A 528 14.32 12.58 -43.57
C TRP A 528 14.88 12.61 -44.98
N HIS A 529 14.67 13.71 -45.68
CA HIS A 529 15.14 13.81 -47.06
C HIS A 529 16.64 13.94 -47.17
N GLU A 530 17.27 14.67 -46.25
CA GLU A 530 18.70 14.86 -46.32
C GLU A 530 19.52 13.71 -45.72
N GLN A 531 18.91 12.95 -44.80
CA GLN A 531 19.65 11.93 -44.07
C GLN A 531 19.22 10.48 -44.29
N GLU A 532 18.05 10.24 -44.88
CA GLU A 532 17.52 8.86 -45.00
C GLU A 532 18.66 7.88 -45.26
N GLY A 533 18.72 6.81 -44.46
CA GLY A 533 19.74 5.79 -44.66
C GLY A 533 21.02 5.94 -43.85
N ARG A 534 21.41 7.19 -43.56
CA ARG A 534 22.62 7.51 -42.81
C ARG A 534 22.53 6.86 -41.46
N VAL A 535 23.63 6.32 -40.97
CA VAL A 535 23.63 5.55 -39.74
C VAL A 535 23.75 6.46 -38.52
N ALA A 536 22.69 6.58 -37.73
CA ALA A 536 22.77 7.36 -36.51
C ALA A 536 22.02 6.65 -35.42
N SER A 537 22.66 6.55 -34.27
CA SER A 537 22.22 5.61 -33.25
C SER A 537 20.80 5.81 -32.78
N LEU A 538 20.29 7.04 -32.85
CA LEU A 538 18.95 7.35 -32.33
C LEU A 538 17.87 7.01 -33.34
N VAL A 539 18.23 6.98 -34.62
CA VAL A 539 17.23 6.92 -35.70
C VAL A 539 17.16 5.58 -36.41
N SER A 540 16.00 4.94 -36.43
CA SER A 540 15.82 3.70 -37.21
C SER A 540 14.99 3.98 -38.45
N TRP A 541 15.64 3.95 -39.61
CA TRP A 541 14.97 4.38 -40.82
C TRP A 541 13.73 3.57 -41.15
N ASP A 542 13.73 2.30 -40.74
CA ASP A 542 12.60 1.42 -40.97
C ASP A 542 11.57 1.46 -39.84
N ARG A 543 11.80 2.29 -38.83
CA ARG A 543 10.86 2.38 -37.72
C ARG A 543 9.46 2.81 -38.15
N PHE A 544 9.41 3.77 -39.07
CA PHE A 544 8.16 4.20 -39.64
C PHE A 544 8.11 3.64 -41.04
N THR A 545 6.91 3.26 -41.49
CA THR A 545 6.76 2.58 -42.78
C THR A 545 7.01 3.55 -43.90
N SER A 546 6.95 4.85 -43.61
CA SER A 546 7.23 5.88 -44.61
C SER A 546 7.37 7.23 -43.93
N LEU A 547 7.88 8.21 -44.69
CA LEU A 547 8.00 9.58 -44.22
C LEU A 547 6.63 10.14 -43.87
N GLN A 548 5.62 9.73 -44.63
CA GLN A 548 4.26 10.17 -44.39
C GLN A 548 3.76 9.70 -43.04
N GLN A 549 4.03 8.43 -42.71
CA GLN A 549 3.60 7.91 -41.42
C GLN A 549 4.25 8.65 -40.25
N ALA A 550 5.53 9.01 -40.40
CA ALA A 550 6.23 9.84 -39.41
C ALA A 550 5.58 11.19 -39.30
N GLN A 551 5.20 11.76 -40.44
CA GLN A 551 4.51 13.03 -40.49
C GLN A 551 3.15 13.01 -39.79
N ASP A 552 2.38 11.96 -40.01
CA ASP A 552 1.10 11.85 -39.35
C ASP A 552 1.26 11.80 -37.84
N LEU A 553 2.23 11.01 -37.38
CA LEU A 553 2.41 10.82 -35.94
C LEU A 553 2.84 12.10 -35.22
N VAL A 554 3.67 12.92 -35.85
CA VAL A 554 4.07 14.16 -35.20
C VAL A 554 2.94 15.17 -35.17
N SER A 555 2.04 15.08 -36.16
CA SER A 555 0.86 15.95 -36.19
C SER A 555 -0.06 15.62 -35.02
N CYS A 556 -0.27 14.34 -34.76
CA CYS A 556 -1.07 13.93 -33.63
C CYS A 556 -0.43 14.23 -32.30
N LEU A 557 0.88 14.11 -32.19
CA LEU A 557 1.50 14.22 -30.89
C LEU A 557 1.59 15.70 -30.49
N GLY A 558 2.09 16.51 -31.44
CA GLY A 558 2.14 17.94 -31.32
C GLY A 558 3.25 18.50 -30.48
N GLY A 559 3.78 19.64 -30.95
CA GLY A 559 4.71 20.50 -30.22
C GLY A 559 4.99 20.27 -28.74
N PRO A 560 3.97 20.44 -27.88
CA PRO A 560 4.28 20.41 -26.45
C PRO A 560 4.72 19.04 -25.96
N VAL A 561 4.11 17.99 -26.51
CA VAL A 561 4.48 16.63 -26.15
C VAL A 561 5.88 16.28 -26.70
N LEU A 562 6.07 16.42 -28.01
CA LEU A 562 7.37 16.17 -28.63
C LEU A 562 8.49 16.93 -27.92
N SER A 563 8.23 18.19 -27.59
CA SER A 563 9.23 19.02 -26.94
C SER A 563 9.63 18.47 -25.57
N GLY A 564 8.66 17.98 -24.82
CA GLY A 564 8.96 17.47 -23.49
C GLY A 564 9.82 16.25 -23.60
N VAL A 565 9.41 15.36 -24.51
CA VAL A 565 10.09 14.10 -24.74
C VAL A 565 11.53 14.37 -25.15
N CYS A 566 11.74 15.15 -26.20
CA CYS A 566 13.09 15.52 -26.57
C CYS A 566 13.93 16.16 -25.44
N ARG A 567 13.29 16.91 -24.55
CA ARG A 567 14.06 17.53 -23.49
C ARG A 567 14.63 16.41 -22.63
N HIS A 568 13.81 15.40 -22.35
CA HIS A 568 14.27 14.32 -21.48
C HIS A 568 15.39 13.52 -22.11
N LEU A 569 15.19 13.16 -23.36
CA LEU A 569 16.15 12.36 -24.06
C LEU A 569 17.46 13.11 -24.25
N ALA A 570 17.41 14.44 -24.30
CA ALA A 570 18.66 15.15 -24.52
C ALA A 570 19.29 15.51 -23.18
N ALA A 571 18.48 15.61 -22.13
CA ALA A 571 19.01 15.97 -20.84
C ALA A 571 19.74 14.76 -20.21
N ASP A 572 19.20 13.57 -20.42
CA ASP A 572 19.61 12.42 -19.65
C ASP A 572 19.15 11.14 -20.41
N PHE A 573 19.61 11.02 -21.65
CA PHE A 573 19.31 9.84 -22.46
C PHE A 573 19.74 8.57 -21.72
N ARG A 574 20.80 8.69 -20.94
CA ARG A 574 21.38 7.56 -20.27
C ARG A 574 20.40 6.90 -19.34
N HIS A 575 19.66 7.73 -18.59
CA HIS A 575 18.67 7.23 -17.60
C HIS A 575 17.22 7.38 -18.04
N CYS A 576 17.00 7.97 -19.22
CA CYS A 576 15.64 8.16 -19.75
C CYS A 576 15.30 7.26 -20.93
N ARG A 577 16.32 6.75 -21.63
CA ARG A 577 16.08 5.96 -22.84
C ARG A 577 15.18 4.78 -22.55
N GLY A 578 15.29 4.21 -21.36
CA GLY A 578 14.44 3.07 -21.03
C GLY A 578 13.15 3.48 -20.34
N GLY A 579 12.05 2.82 -20.67
CA GLY A 579 10.78 2.97 -19.96
C GLY A 579 9.59 3.43 -20.80
N LEU A 580 9.86 3.88 -22.02
CA LEU A 580 8.77 4.35 -22.85
C LEU A 580 7.83 3.18 -23.20
N PRO A 581 6.51 3.42 -23.21
CA PRO A 581 5.49 2.42 -23.53
C PRO A 581 5.77 1.56 -24.78
N ASP A 582 5.24 0.34 -24.80
CA ASP A 582 5.31 -0.50 -25.98
C ASP A 582 4.73 0.13 -27.24
N LEU A 583 3.63 0.86 -27.08
CA LEU A 583 2.79 1.26 -28.22
C LEU A 583 2.47 2.75 -28.41
N VAL A 584 2.31 3.13 -29.67
CA VAL A 584 1.73 4.40 -30.05
C VAL A 584 0.62 4.10 -31.04
N VAL A 585 -0.61 4.42 -30.65
CA VAL A 585 -1.74 4.21 -31.53
C VAL A 585 -2.49 5.54 -31.82
N TRP A 586 -2.97 5.69 -33.03
CA TRP A 586 -3.74 6.89 -33.37
C TRP A 586 -4.80 6.71 -34.45
N ASN A 587 -5.85 7.51 -34.34
CA ASN A 587 -6.94 7.54 -35.29
C ASN A 587 -6.64 8.56 -36.36
N SER A 588 -6.62 8.06 -37.60
CA SER A 588 -6.26 8.81 -38.80
C SER A 588 -7.02 10.12 -39.00
N GLN A 589 -8.33 10.04 -38.82
CA GLN A 589 -9.25 11.16 -39.00
C GLN A 589 -9.46 12.07 -37.78
N SER A 590 -9.55 11.49 -36.59
CA SER A 590 -9.69 12.34 -35.41
C SER A 590 -8.38 12.97 -34.93
N ARG A 591 -7.24 12.38 -35.35
CA ARG A 591 -5.91 12.81 -34.87
C ARG A 591 -5.69 12.54 -33.37
N HIS A 592 -6.56 11.74 -32.74
CA HIS A 592 -6.42 11.47 -31.34
C HIS A 592 -5.53 10.25 -31.19
N PHE A 593 -4.55 10.34 -30.30
CA PHE A 593 -3.60 9.26 -30.10
C PHE A 593 -3.60 8.72 -28.69
N LYS A 594 -2.97 7.56 -28.54
CA LYS A 594 -2.81 6.98 -27.23
C LYS A 594 -1.45 6.29 -27.16
N LEU A 595 -0.75 6.57 -26.05
CA LEU A 595 0.50 5.87 -25.69
C LEU A 595 0.19 4.76 -24.70
N VAL A 596 0.44 3.52 -25.12
CA VAL A 596 -0.02 2.35 -24.39
C VAL A 596 1.15 1.45 -24.00
N GLU A 597 1.23 1.11 -22.72
CA GLU A 597 2.17 0.07 -22.28
C GLU A 597 1.41 -1.25 -22.14
N VAL A 598 1.80 -2.23 -22.93
CA VAL A 598 1.20 -3.56 -22.84
C VAL A 598 1.92 -4.41 -21.78
N LYS A 599 1.10 -5.00 -20.90
CA LYS A 599 1.54 -5.93 -19.86
C LYS A 599 0.80 -7.25 -19.98
N GLY A 600 1.56 -8.31 -20.25
CA GLY A 600 1.02 -9.66 -20.26
C GLY A 600 0.63 -10.09 -18.85
N PRO A 601 0.12 -11.33 -18.72
CA PRO A 601 -0.46 -11.80 -17.46
C PRO A 601 0.47 -11.63 -16.27
N ASN A 602 1.76 -11.84 -16.48
CA ASN A 602 2.70 -11.93 -15.37
C ASN A 602 3.73 -10.83 -15.23
N ASP A 603 3.45 -9.64 -15.73
CA ASP A 603 4.42 -8.57 -15.52
C ASP A 603 3.76 -7.25 -15.16
N ARG A 604 4.38 -6.52 -14.24
CA ARG A 604 3.90 -5.21 -13.78
C ARG A 604 4.84 -4.15 -14.32
N LEU A 605 4.51 -2.89 -14.06
CA LEU A 605 5.35 -1.79 -14.45
C LEU A 605 6.65 -1.75 -13.64
N SER A 606 7.75 -1.53 -14.35
CA SER A 606 9.02 -1.18 -13.74
C SER A 606 8.97 0.27 -13.30
N HIS A 607 9.92 0.67 -12.44
CA HIS A 607 10.03 2.07 -12.00
C HIS A 607 10.22 3.02 -13.16
N LYS A 608 11.09 2.66 -14.10
CA LYS A 608 11.31 3.52 -15.25
C LYS A 608 10.03 3.75 -16.02
N GLN A 609 9.23 2.70 -16.19
CA GLN A 609 8.00 2.81 -16.93
C GLN A 609 7.01 3.72 -16.25
N MET A 610 6.89 3.65 -14.93
CA MET A 610 5.90 4.51 -14.26
C MET A 610 6.27 5.98 -14.33
N ILE A 611 7.56 6.28 -14.14
CA ILE A 611 8.08 7.63 -14.31
C ILE A 611 7.74 8.19 -15.70
N TRP A 612 7.87 7.38 -16.73
CA TRP A 612 7.60 7.84 -18.08
C TRP A 612 6.15 8.12 -18.34
N LEU A 613 5.28 7.20 -17.92
CA LEU A 613 3.85 7.40 -18.05
C LEU A 613 3.40 8.69 -17.35
N ALA A 614 3.86 8.91 -16.12
CA ALA A 614 3.43 10.09 -15.38
C ALA A 614 3.84 11.32 -16.14
N GLU A 615 5.04 11.26 -16.69
CA GLU A 615 5.66 12.37 -17.41
C GLU A 615 4.94 12.65 -18.74
N LEU A 616 4.47 11.60 -19.38
CA LEU A 616 3.76 11.76 -20.64
C LEU A 616 2.37 12.32 -20.38
N GLN A 617 1.72 11.84 -19.31
CA GLN A 617 0.48 12.44 -18.84
C GLN A 617 0.70 13.93 -18.62
N LYS A 618 1.70 14.30 -17.80
CA LYS A 618 1.96 15.72 -17.48
C LYS A 618 2.05 16.56 -18.73
N LEU A 619 2.68 16.01 -19.76
CA LEU A 619 2.76 16.71 -21.02
C LEU A 619 1.41 16.71 -21.76
N GLY A 620 0.39 16.18 -21.11
CA GLY A 620 -0.96 16.14 -21.66
C GLY A 620 -1.07 15.14 -22.78
N ALA A 621 -1.11 13.86 -22.45
CA ALA A 621 -1.21 12.84 -23.48
C ALA A 621 -1.91 11.62 -22.91
N GLU A 622 -2.75 11.02 -23.73
CA GLU A 622 -3.48 9.83 -23.34
C GLU A 622 -2.52 8.70 -23.14
N VAL A 623 -2.35 8.27 -21.88
CA VAL A 623 -1.54 7.09 -21.60
C VAL A 623 -2.35 6.05 -20.86
N GLU A 624 -2.12 4.79 -21.20
CA GLU A 624 -2.96 3.68 -20.76
C GLU A 624 -2.07 2.47 -20.49
N VAL A 625 -2.34 1.73 -19.42
CA VAL A 625 -1.69 0.43 -19.29
C VAL A 625 -2.71 -0.62 -19.70
N CYS A 626 -2.28 -1.55 -20.55
CA CYS A 626 -3.20 -2.51 -21.14
C CYS A 626 -2.79 -3.93 -20.78
N HIS A 627 -3.52 -4.51 -19.84
CA HIS A 627 -3.24 -5.85 -19.36
C HIS A 627 -3.97 -6.86 -20.21
N VAL A 628 -3.22 -7.86 -20.63
CA VAL A 628 -3.79 -8.98 -21.35
C VAL A 628 -3.99 -10.14 -20.38
N VAL A 629 -5.24 -10.60 -20.26
CA VAL A 629 -5.55 -11.85 -19.56
C VAL A 629 -5.80 -12.95 -20.60
N ALA A 630 -5.27 -14.15 -20.33
CA ALA A 630 -5.23 -15.22 -21.32
C ALA A 630 -6.29 -16.32 -21.10
N VAL A 631 -6.71 -16.97 -22.19
CA VAL A 631 -7.61 -18.12 -22.14
C VAL A 631 -6.87 -19.39 -22.53
N THR B 1 -21.12 -28.04 39.53
CA THR B 1 -22.36 -28.58 38.88
C THR B 1 -23.09 -27.56 38.00
N GLY B 2 -22.51 -26.37 37.84
CA GLY B 2 -23.15 -25.30 37.09
C GLY B 2 -23.08 -25.44 35.58
N HIS B 3 -23.88 -24.64 34.88
CA HIS B 3 -23.75 -24.46 33.45
C HIS B 3 -22.57 -23.54 33.16
N PRO B 4 -22.04 -23.57 31.92
CA PRO B 4 -21.04 -22.56 31.54
C PRO B 4 -21.67 -21.16 31.39
N TYR B 5 -20.84 -20.13 31.51
CA TYR B 5 -21.33 -18.76 31.61
C TYR B 5 -22.34 -18.35 30.53
N TYR B 6 -22.02 -18.64 29.28
CA TYR B 6 -22.86 -18.25 28.15
C TYR B 6 -24.28 -18.83 28.21
N LEU B 7 -24.42 -20.04 28.74
CA LEU B 7 -25.74 -20.67 28.87
C LEU B 7 -26.54 -20.07 30.02
N ARG B 8 -25.88 -19.86 31.16
CA ARG B 8 -26.52 -19.21 32.31
C ARG B 8 -27.18 -17.91 31.88
N SER B 9 -26.39 -17.06 31.21
CA SER B 9 -26.86 -15.75 30.79
C SER B 9 -28.07 -15.84 29.87
N PHE B 10 -27.92 -16.67 28.83
CA PHE B 10 -28.95 -16.92 27.85
C PHE B 10 -30.23 -17.38 28.56
N LEU B 11 -30.05 -18.23 29.56
CA LEU B 11 -31.16 -18.75 30.33
C LEU B 11 -31.86 -17.65 31.12
N VAL B 12 -31.07 -16.84 31.83
CA VAL B 12 -31.61 -15.67 32.53
C VAL B 12 -32.47 -14.82 31.58
N VAL B 13 -32.01 -14.63 30.34
CA VAL B 13 -32.74 -13.83 29.37
C VAL B 13 -34.15 -14.36 29.12
N LEU B 14 -34.24 -15.66 28.80
CA LEU B 14 -35.53 -16.29 28.51
C LEU B 14 -36.42 -16.28 29.75
N LYS B 15 -35.86 -16.73 30.88
CA LYS B 15 -36.59 -16.72 32.14
C LYS B 15 -37.30 -15.37 32.32
N THR B 16 -36.52 -14.30 32.33
CA THR B 16 -36.99 -12.94 32.54
C THR B 16 -38.15 -12.56 31.61
N VAL B 17 -38.03 -12.95 30.34
CA VAL B 17 -39.02 -12.55 29.35
C VAL B 17 -40.25 -13.44 29.39
N LEU B 18 -40.06 -14.71 29.74
CA LEU B 18 -41.19 -15.65 29.82
C LEU B 18 -42.13 -15.38 30.98
N GLU B 19 -41.61 -14.93 32.12
CA GLU B 19 -42.44 -14.72 33.30
C GLU B 19 -43.41 -13.52 33.22
N ASN B 20 -43.48 -12.91 32.02
CA ASN B 20 -44.36 -11.79 31.71
C ASN B 20 -45.46 -12.24 30.77
N GLU B 21 -46.72 -12.23 31.23
CA GLU B 21 -47.80 -12.60 30.33
C GLU B 21 -48.00 -11.54 29.27
N ASP B 22 -47.83 -10.28 29.65
CA ASP B 22 -47.93 -9.15 28.69
C ASP B 22 -47.06 -9.44 27.49
N ASP B 23 -45.82 -9.82 27.76
CA ASP B 23 -44.85 -10.04 26.71
C ASP B 23 -45.12 -11.29 25.87
N MET B 24 -45.57 -12.36 26.52
CA MET B 24 -45.85 -13.60 25.80
C MET B 24 -47.04 -13.50 24.85
N LEU B 25 -47.95 -12.54 25.09
CA LEU B 25 -49.04 -12.22 24.15
C LEU B 25 -48.57 -11.88 22.75
N LEU B 26 -47.31 -11.45 22.65
CA LEU B 26 -46.77 -10.96 21.39
C LEU B 26 -46.05 -12.08 20.63
N PHE B 27 -46.22 -13.30 21.11
CA PHE B 27 -45.78 -14.53 20.42
C PHE B 27 -46.93 -15.49 20.16
N ASP B 28 -46.98 -16.05 18.94
CA ASP B 28 -48.00 -17.05 18.59
C ASP B 28 -47.60 -18.41 19.16
N GLU B 29 -48.52 -19.37 19.07
CA GLU B 29 -48.33 -20.69 19.67
C GLU B 29 -47.08 -21.33 19.07
N GLN B 30 -47.04 -21.31 17.74
CA GLN B 30 -45.94 -21.84 16.97
C GLN B 30 -44.61 -21.41 17.60
N GLU B 31 -44.45 -20.08 17.71
CA GLU B 31 -43.27 -19.43 18.31
C GLU B 31 -42.98 -19.93 19.73
N LYS B 32 -44.01 -19.98 20.57
CA LYS B 32 -43.90 -20.44 21.96
C LYS B 32 -43.38 -21.89 22.08
N GLY B 33 -43.77 -22.72 21.11
CA GLY B 33 -43.36 -24.12 21.09
C GLY B 33 -41.85 -24.25 20.94
N ILE B 34 -41.30 -23.41 20.06
CA ILE B 34 -39.86 -23.31 19.84
C ILE B 34 -39.11 -23.12 21.16
N VAL B 35 -39.63 -22.24 22.03
CA VAL B 35 -39.03 -22.04 23.33
C VAL B 35 -39.06 -23.33 24.18
N THR B 36 -40.19 -24.03 24.14
CA THR B 36 -40.32 -25.28 24.92
C THR B 36 -39.39 -26.34 24.35
N LYS B 37 -39.38 -26.45 23.02
CA LYS B 37 -38.44 -27.33 22.34
C LYS B 37 -37.03 -27.06 22.87
N PHE B 38 -36.67 -25.78 22.99
CA PHE B 38 -35.35 -25.42 23.53
C PHE B 38 -35.13 -25.94 24.94
N TYR B 39 -36.12 -25.74 25.82
CA TYR B 39 -35.99 -26.21 27.18
C TYR B 39 -35.93 -27.70 27.23
N GLN B 40 -36.58 -28.34 26.25
CA GLN B 40 -36.58 -29.79 26.14
C GLN B 40 -35.23 -30.42 25.76
N LEU B 41 -34.33 -29.65 25.14
CA LEU B 41 -33.01 -30.16 24.80
C LEU B 41 -32.20 -30.51 26.03
N SER B 42 -31.19 -31.34 25.81
CA SER B 42 -30.24 -31.71 26.85
C SER B 42 -29.34 -30.51 27.13
N ALA B 43 -28.71 -30.53 28.30
CA ALA B 43 -27.70 -29.52 28.67
C ALA B 43 -26.66 -29.32 27.56
N THR B 44 -26.37 -30.38 26.82
CA THR B 44 -25.41 -30.31 25.72
C THR B 44 -26.04 -29.65 24.51
N GLY B 45 -27.29 -30.03 24.22
CA GLY B 45 -28.04 -29.45 23.12
C GLY B 45 -28.21 -27.96 23.32
N GLN B 46 -28.38 -27.57 24.58
CA GLN B 46 -28.54 -26.17 24.94
C GLN B 46 -27.25 -25.37 24.79
N LYS B 47 -26.18 -25.86 25.42
CA LYS B 47 -24.83 -25.28 25.28
C LYS B 47 -24.48 -25.03 23.83
N LEU B 48 -24.57 -26.08 23.00
CA LEU B 48 -24.20 -25.93 21.61
C LEU B 48 -25.06 -24.90 20.89
N TYR B 49 -26.36 -24.88 21.14
CA TYR B 49 -27.19 -23.94 20.41
C TYR B 49 -26.75 -22.52 20.68
N VAL B 50 -26.44 -22.24 21.94
CA VAL B 50 -26.04 -20.89 22.37
C VAL B 50 -24.71 -20.48 21.72
N ARG B 51 -23.72 -21.36 21.76
CA ARG B 51 -22.43 -21.13 21.09
C ARG B 51 -22.63 -20.62 19.66
N LEU B 52 -23.50 -21.30 18.92
CA LEU B 52 -23.77 -20.98 17.53
C LEU B 52 -24.70 -19.80 17.36
N PHE B 53 -25.56 -19.56 18.36
CA PHE B 53 -26.42 -18.39 18.37
C PHE B 53 -25.59 -17.11 18.49
N GLN B 54 -24.52 -17.21 19.27
CA GLN B 54 -23.60 -16.11 19.52
C GLN B 54 -22.70 -15.82 18.33
N ARG B 55 -22.37 -16.85 17.56
CA ARG B 55 -21.56 -16.71 16.35
C ARG B 55 -22.34 -16.06 15.20
N LYS B 56 -21.61 -15.78 14.13
CA LYS B 56 -22.21 -15.27 12.91
C LYS B 56 -23.24 -16.25 12.33
N LEU B 57 -24.27 -15.71 11.68
CA LEU B 57 -25.27 -16.53 11.02
C LEU B 57 -24.88 -16.97 9.60
N SER B 58 -24.38 -18.19 9.49
CA SER B 58 -24.03 -18.78 8.21
C SER B 58 -23.39 -20.16 8.37
N TRP B 59 -23.11 -20.79 7.23
CA TRP B 59 -22.62 -22.16 7.20
C TRP B 59 -21.28 -22.28 7.91
N ILE B 60 -21.08 -23.39 8.60
CA ILE B 60 -19.83 -23.64 9.27
C ILE B 60 -19.42 -25.07 8.95
N LYS B 61 -18.25 -25.26 8.34
CA LYS B 61 -17.70 -26.59 8.13
C LYS B 61 -17.62 -27.34 9.44
N MET B 62 -18.10 -28.59 9.42
CA MET B 62 -18.11 -29.43 10.60
C MET B 62 -16.75 -29.54 11.26
N THR B 63 -15.70 -29.40 10.44
CA THR B 63 -14.32 -29.50 10.92
C THR B 63 -13.83 -28.19 11.55
N LYS B 64 -14.63 -27.14 11.43
CA LYS B 64 -14.34 -25.86 12.09
C LYS B 64 -15.18 -25.65 13.36
N LEU B 65 -15.85 -26.71 13.79
CA LEU B 65 -16.60 -26.71 15.04
C LEU B 65 -15.85 -27.53 16.08
N GLU B 66 -15.59 -26.92 17.23
CA GLU B 66 -14.92 -27.63 18.31
C GLU B 66 -15.16 -26.97 19.66
N TYR B 67 -15.92 -27.65 20.51
CA TYR B 67 -16.13 -27.22 21.87
C TYR B 67 -15.97 -28.42 22.79
N GLU B 68 -14.77 -28.56 23.33
CA GLU B 68 -14.44 -29.68 24.20
C GLU B 68 -15.19 -29.65 25.54
N GLU B 69 -15.48 -28.45 26.03
CA GLU B 69 -16.28 -28.30 27.24
C GLU B 69 -17.70 -28.83 27.01
N ILE B 70 -18.07 -28.99 25.74
CA ILE B 70 -19.41 -29.47 25.39
C ILE B 70 -19.38 -31.00 25.19
N ALA B 71 -18.59 -31.46 24.21
CA ALA B 71 -18.49 -32.88 23.85
C ALA B 71 -17.32 -33.06 22.89
N LEU B 72 -16.54 -34.12 23.11
CA LEU B 72 -15.37 -34.41 22.28
C LEU B 72 -15.75 -34.74 20.83
N ASP B 73 -16.91 -35.38 20.65
CA ASP B 73 -17.49 -35.56 19.33
C ASP B 73 -18.87 -34.90 19.33
N LEU B 74 -19.03 -33.91 18.46
CA LEU B 74 -20.23 -33.09 18.47
C LEU B 74 -21.43 -33.66 17.69
N THR B 75 -21.24 -34.77 16.97
CA THR B 75 -22.27 -35.27 16.04
C THR B 75 -23.56 -35.77 16.69
N PRO B 76 -23.47 -36.45 17.86
CA PRO B 76 -24.75 -36.77 18.51
C PRO B 76 -25.53 -35.48 18.85
N VAL B 77 -24.78 -34.44 19.25
CA VAL B 77 -25.33 -33.14 19.62
C VAL B 77 -25.91 -32.41 18.39
N ILE B 78 -25.12 -32.27 17.33
CA ILE B 78 -25.64 -31.67 16.09
C ILE B 78 -26.92 -32.39 15.68
N GLU B 79 -26.88 -33.72 15.75
CA GLU B 79 -28.03 -34.53 15.38
C GLU B 79 -29.27 -34.10 16.16
N GLU B 80 -29.14 -34.06 17.50
CA GLU B 80 -30.23 -33.63 18.40
C GLU B 80 -30.86 -32.31 17.94
N LEU B 81 -29.99 -31.35 17.62
CA LEU B 81 -30.39 -30.02 17.21
C LEU B 81 -31.07 -29.99 15.84
N THR B 82 -30.52 -30.76 14.89
CA THR B 82 -31.12 -30.89 13.57
C THR B 82 -32.50 -31.50 13.70
N ASN B 83 -32.61 -32.48 14.61
CA ASN B 83 -33.89 -33.14 14.91
C ASN B 83 -34.94 -32.21 15.49
N ALA B 84 -34.52 -31.36 16.42
CA ALA B 84 -35.41 -30.41 17.07
C ALA B 84 -35.88 -29.23 16.16
N GLY B 85 -35.19 -29.03 15.03
CA GLY B 85 -35.57 -27.98 14.08
C GLY B 85 -34.74 -26.72 14.19
N PHE B 86 -33.71 -26.76 15.04
CA PHE B 86 -32.89 -25.60 15.41
C PHE B 86 -31.70 -25.36 14.49
N LEU B 87 -31.06 -26.47 14.12
CA LEU B 87 -29.90 -26.50 13.25
C LEU B 87 -30.33 -27.17 11.95
N GLN B 88 -29.58 -26.94 10.88
CA GLN B 88 -29.80 -27.61 9.59
C GLN B 88 -28.47 -28.08 8.96
N THR B 89 -28.57 -28.97 7.98
CA THR B 89 -27.39 -29.69 7.46
C THR B 89 -27.08 -29.36 5.99
N GLU B 90 -25.89 -29.78 5.56
CA GLU B 90 -25.41 -29.63 4.16
C GLU B 90 -26.44 -30.09 3.14
N SER B 91 -27.22 -31.10 3.52
CA SER B 91 -28.38 -31.57 2.77
C SER B 91 -29.37 -30.46 2.44
N GLU B 92 -29.70 -29.63 3.43
CA GLU B 92 -30.61 -28.50 3.20
C GLU B 92 -29.93 -27.28 2.56
N LEU B 93 -28.61 -27.35 2.44
CA LEU B 93 -27.82 -26.34 1.75
C LEU B 93 -28.11 -26.40 0.25
N GLN B 94 -28.67 -25.31 -0.27
CA GLN B 94 -29.23 -25.32 -1.62
C GLN B 94 -28.89 -24.10 -2.46
N GLU B 95 -28.69 -22.96 -1.81
CA GLU B 95 -28.34 -21.77 -2.55
C GLU B 95 -26.86 -21.79 -2.91
N LEU B 96 -26.51 -21.23 -4.07
CA LEU B 96 -25.14 -21.37 -4.60
C LEU B 96 -24.17 -20.45 -3.87
N SER B 97 -24.49 -19.16 -3.88
CA SER B 97 -23.74 -18.12 -3.17
C SER B 97 -23.29 -18.62 -1.81
N GLU B 98 -24.22 -19.24 -1.11
CA GLU B 98 -23.96 -19.84 0.19
C GLU B 98 -22.85 -20.90 0.18
N VAL B 99 -22.86 -21.80 -0.79
CA VAL B 99 -21.83 -22.85 -0.85
C VAL B 99 -20.49 -22.27 -1.28
N LEU B 100 -20.53 -21.31 -2.21
CA LEU B 100 -19.33 -20.60 -2.62
C LEU B 100 -18.69 -19.90 -1.41
N GLU B 101 -19.53 -19.19 -0.64
CA GLU B 101 -19.11 -18.54 0.61
C GLU B 101 -18.41 -19.47 1.59
N LEU B 102 -18.98 -20.64 1.80
CA LEU B 102 -18.44 -21.60 2.76
C LEU B 102 -17.10 -22.18 2.34
N LEU B 103 -16.72 -21.97 1.07
CA LEU B 103 -15.45 -22.50 0.55
C LEU B 103 -14.30 -21.54 0.77
N SER B 104 -13.15 -22.11 1.14
CA SER B 104 -11.90 -21.36 1.23
C SER B 104 -11.47 -20.93 -0.16
N ALA B 105 -10.71 -19.84 -0.22
CA ALA B 105 -10.20 -19.33 -1.51
C ALA B 105 -9.34 -20.34 -2.31
N PRO B 106 -8.51 -21.16 -1.63
CA PRO B 106 -7.86 -22.29 -2.31
C PRO B 106 -8.86 -23.23 -2.97
N GLU B 107 -9.87 -23.67 -2.20
CA GLU B 107 -10.91 -24.56 -2.71
C GLU B 107 -11.70 -23.97 -3.86
N LEU B 108 -11.86 -22.65 -3.84
CA LEU B 108 -12.50 -21.95 -4.94
C LEU B 108 -11.62 -21.89 -6.19
N LYS B 109 -10.31 -21.97 -5.99
CA LYS B 109 -9.36 -22.05 -7.11
C LYS B 109 -9.47 -23.41 -7.80
N SER B 110 -9.42 -24.48 -7.01
CA SER B 110 -9.59 -25.85 -7.50
C SER B 110 -10.86 -26.00 -8.32
N LEU B 111 -11.96 -25.49 -7.79
CA LEU B 111 -13.24 -25.51 -8.50
C LEU B 111 -13.23 -24.60 -9.74
N ALA B 112 -12.46 -23.51 -9.70
CA ALA B 112 -12.27 -22.66 -10.88
C ALA B 112 -11.48 -23.39 -11.97
N LYS B 113 -10.61 -24.32 -11.57
CA LYS B 113 -9.79 -25.10 -12.50
C LYS B 113 -10.60 -26.19 -13.17
N THR B 114 -11.13 -27.13 -12.37
CA THR B 114 -11.90 -28.26 -12.91
C THR B 114 -13.24 -27.81 -13.55
N PHE B 115 -13.33 -26.52 -13.87
CA PHE B 115 -14.39 -25.99 -14.70
C PHE B 115 -13.75 -25.11 -15.76
N HIS B 116 -13.71 -25.60 -17.00
CA HIS B 116 -12.93 -24.97 -18.05
C HIS B 116 -13.23 -23.49 -18.28
N LEU B 117 -14.53 -23.15 -18.22
CA LEU B 117 -15.00 -21.79 -18.50
C LEU B 117 -14.62 -20.72 -17.45
N VAL B 118 -13.72 -21.08 -16.54
CA VAL B 118 -13.30 -20.18 -15.46
C VAL B 118 -11.84 -19.76 -15.61
N ASN B 119 -11.57 -18.48 -15.35
CA ASN B 119 -10.20 -17.94 -15.24
C ASN B 119 -9.64 -18.14 -13.80
N PRO B 120 -8.81 -19.19 -13.62
CA PRO B 120 -8.50 -19.79 -12.30
C PRO B 120 -8.05 -18.82 -11.19
N ASN B 121 -7.53 -17.65 -11.58
CA ASN B 121 -7.01 -16.67 -10.63
C ASN B 121 -7.91 -15.45 -10.43
N GLY B 122 -7.68 -14.76 -9.33
CA GLY B 122 -8.50 -13.62 -8.92
C GLY B 122 -8.87 -13.77 -7.46
N GLN B 123 -9.42 -12.71 -6.89
CA GLN B 123 -9.80 -12.70 -5.46
C GLN B 123 -11.00 -13.60 -5.21
N LYS B 124 -11.18 -14.03 -3.96
CA LYS B 124 -12.35 -14.85 -3.59
C LYS B 124 -13.67 -14.20 -4.03
N GLN B 125 -13.79 -12.88 -3.88
CA GLN B 125 -15.01 -12.20 -4.34
C GLN B 125 -15.19 -12.28 -5.85
N GLN B 126 -14.08 -12.20 -6.59
CA GLN B 126 -14.10 -12.26 -8.05
C GLN B 126 -14.62 -13.60 -8.57
N LEU B 127 -13.98 -14.68 -8.16
CA LEU B 127 -14.38 -16.04 -8.52
C LEU B 127 -15.87 -16.28 -8.28
N VAL B 128 -16.39 -15.73 -7.18
CA VAL B 128 -17.80 -15.94 -6.81
C VAL B 128 -18.74 -15.18 -7.72
N ASP B 129 -18.47 -13.89 -7.95
CA ASP B 129 -19.23 -13.12 -8.94
C ASP B 129 -19.30 -13.87 -10.27
N ALA B 130 -18.18 -14.50 -10.64
CA ALA B 130 -18.06 -15.31 -11.86
C ALA B 130 -18.95 -16.54 -11.83
N PHE B 131 -18.63 -17.49 -10.96
CA PHE B 131 -19.43 -18.69 -10.80
C PHE B 131 -20.95 -18.43 -10.76
N LEU B 132 -21.36 -17.32 -10.13
CA LEU B 132 -22.77 -16.94 -10.04
C LEU B 132 -23.33 -16.38 -11.35
N LYS B 133 -22.52 -15.61 -12.07
CA LYS B 133 -22.88 -15.17 -13.42
C LYS B 133 -23.12 -16.39 -14.31
N LEU B 134 -22.15 -17.32 -14.30
CA LEU B 134 -22.20 -18.55 -15.10
C LEU B 134 -23.49 -19.35 -14.93
N ALA B 135 -23.88 -19.60 -13.68
CA ALA B 135 -25.06 -20.43 -13.39
C ALA B 135 -26.38 -19.68 -13.62
N LYS B 136 -26.32 -18.35 -13.70
CA LYS B 136 -27.52 -17.58 -13.96
C LYS B 136 -27.89 -17.66 -15.43
N GLN B 137 -26.88 -17.68 -16.30
CA GLN B 137 -27.11 -17.88 -17.74
C GLN B 137 -27.35 -19.36 -18.09
N ARG B 138 -26.39 -20.23 -17.78
CA ARG B 138 -26.50 -21.66 -18.11
C ARG B 138 -26.86 -22.53 -16.90
N SER B 139 -28.13 -22.44 -16.52
CA SER B 139 -28.60 -22.92 -15.22
C SER B 139 -28.25 -24.35 -14.86
N VAL B 140 -28.28 -25.26 -15.83
CA VAL B 140 -28.08 -26.68 -15.54
C VAL B 140 -26.64 -27.03 -15.21
N ILE B 141 -25.71 -26.26 -15.77
CA ILE B 141 -24.30 -26.42 -15.45
C ILE B 141 -24.08 -25.91 -14.02
N GLY B 142 -24.85 -24.87 -13.67
CA GLY B 142 -24.84 -24.31 -12.32
C GLY B 142 -25.15 -25.34 -11.25
N ALA B 143 -26.15 -26.19 -11.53
CA ALA B 143 -26.53 -27.28 -10.61
C ALA B 143 -25.41 -28.31 -10.43
N VAL B 144 -24.52 -28.43 -11.42
CA VAL B 144 -23.36 -29.33 -11.32
C VAL B 144 -22.26 -28.70 -10.45
N ILE B 145 -22.06 -27.39 -10.64
CA ILE B 145 -21.11 -26.61 -9.83
C ILE B 145 -21.51 -26.77 -8.36
N LEU B 146 -22.75 -26.38 -8.07
CA LEU B 146 -23.35 -26.55 -6.75
C LEU B 146 -23.08 -27.93 -6.17
N LYS B 147 -23.42 -28.96 -6.94
CA LYS B 147 -23.23 -30.33 -6.51
C LYS B 147 -21.78 -30.61 -6.08
N ARG B 148 -20.81 -30.13 -6.87
CA ARG B 148 -19.40 -30.42 -6.58
C ARG B 148 -18.83 -29.49 -5.51
N ALA B 149 -19.21 -28.22 -5.57
CA ALA B 149 -18.93 -27.26 -4.51
C ALA B 149 -19.30 -27.89 -3.17
N LYS B 150 -20.55 -28.34 -3.06
CA LYS B 150 -21.05 -28.97 -1.85
C LYS B 150 -20.15 -30.11 -1.40
N ALA B 151 -19.92 -31.04 -2.32
CA ALA B 151 -19.09 -32.23 -2.05
C ALA B 151 -17.66 -31.83 -1.68
N LEU B 152 -17.24 -30.69 -2.22
CA LEU B 152 -15.93 -30.11 -1.93
C LEU B 152 -15.86 -29.54 -0.51
N ALA B 153 -16.93 -28.83 -0.14
CA ALA B 153 -17.09 -28.20 1.17
C ALA B 153 -17.17 -29.20 2.32
N GLY B 154 -17.84 -30.33 2.08
CA GLY B 154 -18.00 -31.35 3.11
C GLY B 154 -19.19 -31.09 4.02
N GLN B 155 -19.22 -31.80 5.14
CA GLN B 155 -20.28 -31.66 6.17
C GLN B 155 -20.34 -30.26 6.82
N SER B 156 -21.53 -29.69 6.87
CA SER B 156 -21.72 -28.32 7.34
C SER B 156 -23.02 -28.16 8.12
N VAL B 157 -23.02 -27.15 8.99
CA VAL B 157 -24.22 -26.79 9.75
C VAL B 157 -24.48 -25.29 9.64
N ARG B 158 -25.76 -24.94 9.76
CA ARG B 158 -26.18 -23.55 9.87
C ARG B 158 -27.34 -23.46 10.83
N ILE B 159 -27.39 -22.38 11.62
CA ILE B 159 -28.47 -22.11 12.55
C ILE B 159 -29.76 -21.90 11.74
N CYS B 160 -30.89 -22.40 12.25
CA CYS B 160 -32.16 -22.22 11.56
C CYS B 160 -32.70 -20.84 11.90
N LYS B 161 -32.93 -20.05 10.85
CA LYS B 161 -33.30 -18.66 11.00
C LYS B 161 -34.70 -18.43 11.61
N GLY B 162 -35.59 -19.42 11.53
CA GLY B 162 -36.94 -19.27 12.05
C GLY B 162 -37.02 -19.28 13.56
N PRO B 163 -36.45 -20.33 14.19
CA PRO B 163 -36.30 -20.38 15.65
C PRO B 163 -35.36 -19.30 16.20
N ARG B 164 -34.32 -18.96 15.44
CA ARG B 164 -33.42 -17.89 15.83
C ARG B 164 -34.17 -16.56 15.92
N ALA B 165 -35.04 -16.28 14.94
CA ALA B 165 -35.80 -15.03 14.92
C ALA B 165 -36.66 -14.84 16.18
N VAL B 166 -37.12 -15.95 16.75
CA VAL B 166 -37.94 -15.88 17.96
C VAL B 166 -37.08 -15.35 19.09
N PHE B 167 -35.92 -15.98 19.28
CA PHE B 167 -34.99 -15.61 20.35
C PHE B 167 -34.52 -14.17 20.22
N SER B 168 -34.32 -13.70 18.99
CA SER B 168 -34.06 -12.28 18.71
C SER B 168 -35.12 -11.43 19.35
N ARG B 169 -36.38 -11.72 19.06
CA ARG B 169 -37.46 -10.89 19.60
C ARG B 169 -37.55 -10.99 21.14
N ILE B 170 -37.08 -12.11 21.68
CA ILE B 170 -37.11 -12.32 23.12
C ILE B 170 -36.04 -11.46 23.74
N LEU B 171 -34.86 -11.47 23.11
CA LEU B 171 -33.72 -10.65 23.49
C LEU B 171 -34.06 -9.17 23.40
N LEU B 172 -34.78 -8.79 22.34
CA LEU B 172 -35.25 -7.43 22.17
C LEU B 172 -36.09 -7.01 23.37
N LEU B 173 -37.10 -7.78 23.70
CA LEU B 173 -37.94 -7.45 24.85
C LEU B 173 -37.15 -7.38 26.16
N PHE B 174 -36.11 -8.19 26.27
CA PHE B 174 -35.28 -8.19 27.48
C PHE B 174 -34.45 -6.93 27.56
N SER B 175 -34.05 -6.43 26.41
CA SER B 175 -33.13 -5.30 26.34
C SER B 175 -33.84 -3.97 26.57
N LEU B 176 -35.15 -3.91 26.37
CA LEU B 176 -35.90 -2.70 26.70
C LEU B 176 -35.73 -2.25 28.16
N THR B 177 -35.29 -3.17 29.04
CA THR B 177 -35.13 -2.93 30.48
C THR B 177 -33.69 -3.00 31.01
N ASP B 178 -32.80 -3.66 30.26
CA ASP B 178 -31.37 -3.67 30.58
C ASP B 178 -30.51 -3.27 29.37
N SER B 179 -30.36 -4.17 28.40
CA SER B 179 -29.41 -3.99 27.27
C SER B 179 -29.59 -2.68 26.45
N MET B 180 -30.69 -2.55 25.71
CA MET B 180 -31.01 -1.34 24.95
C MET B 180 -31.47 -0.20 25.90
N GLU B 181 -31.44 -0.47 27.20
CA GLU B 181 -31.71 0.54 28.24
C GLU B 181 -30.46 1.23 28.79
N ASP B 182 -29.40 0.44 28.96
CA ASP B 182 -28.08 0.99 29.28
C ASP B 182 -27.54 1.72 28.04
N GLU B 183 -28.42 2.52 27.43
CA GLU B 183 -28.16 3.39 26.24
C GLU B 183 -28.23 2.74 24.85
N ASP B 184 -27.28 1.82 24.58
CA ASP B 184 -26.94 1.37 23.22
C ASP B 184 -28.02 0.60 22.43
N ALA B 185 -28.20 0.99 21.16
CA ALA B 185 -29.22 0.41 20.29
C ALA B 185 -28.84 -0.95 19.68
N ALA B 186 -27.56 -1.10 19.30
CA ALA B 186 -27.06 -2.34 18.69
C ALA B 186 -26.98 -3.51 19.69
N CYS B 187 -27.78 -4.55 19.42
CA CYS B 187 -27.91 -5.74 20.31
C CYS B 187 -26.81 -6.80 20.13
N GLY B 188 -25.91 -6.58 19.19
CA GLY B 188 -24.83 -7.52 18.88
C GLY B 188 -24.67 -7.81 17.39
N GLY B 189 -25.77 -7.73 16.65
CA GLY B 189 -25.74 -7.93 15.20
C GLY B 189 -27.07 -8.43 14.68
N GLN B 190 -27.35 -9.71 14.93
CA GLN B 190 -28.61 -10.34 14.52
C GLN B 190 -29.62 -10.34 15.67
N GLY B 191 -29.40 -9.46 16.65
CA GLY B 191 -30.04 -9.57 17.96
C GLY B 191 -29.37 -10.73 18.66
N GLN B 192 -28.26 -10.47 19.36
CA GLN B 192 -27.43 -11.57 19.87
C GLN B 192 -26.61 -11.37 21.15
N LEU B 193 -27.14 -10.68 22.15
CA LEU B 193 -26.47 -10.53 23.46
C LEU B 193 -25.14 -9.83 23.40
N SER B 194 -25.03 -8.71 24.11
CA SER B 194 -23.77 -8.00 24.18
C SER B 194 -22.76 -8.83 24.96
N THR B 195 -21.49 -8.74 24.55
CA THR B 195 -20.36 -9.33 25.27
C THR B 195 -20.46 -9.20 26.79
N VAL B 196 -20.80 -8.01 27.28
CA VAL B 196 -20.84 -7.76 28.71
C VAL B 196 -21.95 -8.58 29.40
N LEU B 197 -23.10 -8.64 28.75
CA LEU B 197 -24.25 -9.36 29.26
C LEU B 197 -23.99 -10.86 29.16
N LEU B 198 -23.52 -11.30 28.00
CA LEU B 198 -23.15 -12.71 27.80
C LEU B 198 -22.21 -13.20 28.89
N VAL B 199 -21.17 -12.44 29.19
CA VAL B 199 -20.20 -12.85 30.20
C VAL B 199 -20.76 -12.75 31.62
N ASN B 200 -21.62 -11.75 31.91
CA ASN B 200 -22.01 -11.46 33.30
C ASN B 200 -23.44 -11.66 33.75
N LEU B 201 -24.40 -11.69 32.81
CA LEU B 201 -25.82 -11.77 33.18
C LEU B 201 -26.13 -12.93 34.12
N GLY B 202 -25.59 -14.11 33.82
CA GLY B 202 -25.68 -15.26 34.70
C GLY B 202 -25.23 -15.07 36.14
N ARG B 203 -24.22 -14.23 36.36
CA ARG B 203 -23.71 -13.93 37.71
C ARG B 203 -24.30 -12.68 38.37
N MET B 204 -25.02 -11.85 37.61
CA MET B 204 -25.50 -10.58 38.13
C MET B 204 -26.57 -10.78 39.18
N GLU B 205 -26.47 -9.99 40.25
CA GLU B 205 -27.49 -9.94 41.26
C GLU B 205 -28.12 -8.56 41.14
N PHE B 206 -29.44 -8.51 40.94
CA PHE B 206 -30.13 -7.22 40.75
C PHE B 206 -30.70 -6.60 42.04
N PRO B 207 -31.01 -5.30 42.04
CA PRO B 207 -31.60 -4.80 43.27
C PRO B 207 -32.98 -5.43 43.42
N SER B 208 -33.49 -5.48 44.64
CA SER B 208 -34.88 -5.89 44.85
C SER B 208 -35.88 -4.74 44.73
N TYR B 209 -36.98 -5.04 44.07
CA TYR B 209 -38.07 -4.09 43.88
C TYR B 209 -39.31 -4.95 43.61
N THR B 210 -40.47 -4.32 43.46
CA THR B 210 -41.69 -5.07 43.17
C THR B 210 -42.11 -4.87 41.73
N ILE B 211 -42.13 -5.95 40.95
CA ILE B 211 -42.64 -5.84 39.59
C ILE B 211 -44.10 -5.46 39.70
N ASN B 212 -44.51 -4.44 38.97
CA ASN B 212 -45.89 -4.02 38.97
C ASN B 212 -46.13 -3.28 37.66
N ARG B 213 -46.82 -3.98 36.75
CA ARG B 213 -47.13 -3.44 35.43
C ARG B 213 -48.62 -3.37 35.18
N LYS B 214 -49.08 -2.27 34.59
CA LYS B 214 -50.48 -2.10 34.36
C LYS B 214 -50.75 -1.71 32.91
N THR B 215 -49.72 -1.30 32.20
CA THR B 215 -49.89 -0.75 30.85
C THR B 215 -49.16 -1.56 29.79
N HIS B 216 -49.79 -1.73 28.65
CA HIS B 216 -49.17 -2.43 27.52
C HIS B 216 -48.31 -1.45 26.76
N ILE B 217 -47.17 -1.92 26.28
CA ILE B 217 -46.30 -1.09 25.45
C ILE B 217 -46.62 -1.35 23.98
N PHE B 218 -46.71 -2.61 23.62
CA PHE B 218 -47.04 -3.01 22.27
C PHE B 218 -48.51 -3.43 22.14
N GLN B 219 -49.14 -3.00 21.05
CA GLN B 219 -50.55 -3.33 20.79
C GLN B 219 -50.81 -4.81 20.54
N ASP B 220 -49.86 -5.44 19.83
CA ASP B 220 -49.95 -6.84 19.48
C ASP B 220 -48.66 -7.21 18.77
N ARG B 221 -48.53 -8.50 18.46
CA ARG B 221 -47.37 -9.02 17.76
C ARG B 221 -46.93 -8.13 16.58
N ASP B 222 -47.90 -7.53 15.91
CA ASP B 222 -47.62 -6.72 14.72
C ASP B 222 -46.89 -5.43 15.06
N ASP B 223 -47.37 -4.75 16.10
CA ASP B 223 -46.72 -3.58 16.70
C ASP B 223 -45.27 -3.87 17.02
N LEU B 224 -45.05 -4.87 17.88
CA LEU B 224 -43.70 -5.26 18.25
C LEU B 224 -42.83 -5.48 17.03
N ILE B 225 -43.39 -6.02 15.95
CA ILE B 225 -42.59 -6.31 14.75
C ILE B 225 -42.19 -5.00 14.07
N ARG B 226 -43.15 -4.09 13.91
CA ARG B 226 -42.90 -2.77 13.34
C ARG B 226 -41.80 -2.01 14.12
N TYR B 227 -41.88 -2.05 15.45
CA TYR B 227 -40.89 -1.47 16.34
C TYR B 227 -39.52 -2.08 16.07
N ALA B 228 -39.41 -3.40 16.20
CA ALA B 228 -38.16 -4.08 15.94
C ALA B 228 -37.55 -3.68 14.60
N ALA B 229 -38.40 -3.38 13.63
CA ALA B 229 -37.96 -3.05 12.28
C ALA B 229 -37.36 -1.67 12.23
N ALA B 230 -38.02 -0.74 12.91
CA ALA B 230 -37.51 0.61 13.05
C ALA B 230 -36.17 0.55 13.79
N THR B 231 -36.14 -0.21 14.88
CA THR B 231 -34.92 -0.43 15.63
C THR B 231 -33.74 -0.84 14.74
N HIS B 232 -33.97 -1.80 13.85
CA HIS B 232 -32.90 -2.30 12.97
C HIS B 232 -32.50 -1.25 11.95
N MET B 233 -33.50 -0.52 11.45
CA MET B 233 -33.25 0.57 10.52
C MET B 233 -32.32 1.64 11.12
N LEU B 234 -32.73 2.15 12.30
CA LEU B 234 -31.93 3.08 13.07
C LEU B 234 -30.51 2.57 13.26
N SER B 235 -30.38 1.34 13.72
CA SER B 235 -29.07 0.77 13.91
C SER B 235 -28.20 0.74 12.64
N ASP B 236 -28.85 0.53 11.50
CA ASP B 236 -28.14 0.50 10.21
C ASP B 236 -27.70 1.88 9.80
N ILE B 237 -28.62 2.85 9.94
CA ILE B 237 -28.32 4.25 9.69
C ILE B 237 -27.14 4.72 10.59
N SER B 238 -27.20 4.41 11.88
CA SER B 238 -26.13 4.75 12.79
C SER B 238 -24.84 4.19 12.28
N SER B 239 -24.86 2.91 11.99
CA SER B 239 -23.67 2.21 11.51
C SER B 239 -23.09 2.80 10.22
N ALA B 240 -23.96 3.13 9.27
CA ALA B 240 -23.56 3.84 8.08
C ALA B 240 -22.74 5.10 8.43
N MET B 241 -23.33 5.96 9.25
CA MET B 241 -22.68 7.18 9.75
C MET B 241 -21.37 6.87 10.44
N ALA B 242 -21.38 5.91 11.36
CA ALA B 242 -20.17 5.57 12.08
C ALA B 242 -19.02 5.23 11.12
N ASN B 243 -19.38 4.79 9.91
CA ASN B 243 -18.42 4.38 8.90
C ASN B 243 -18.21 5.43 7.82
N GLY B 244 -18.58 6.66 8.13
CA GLY B 244 -18.51 7.74 7.17
C GLY B 244 -19.20 7.48 5.84
N ASN B 245 -20.15 6.54 5.80
CA ASN B 245 -20.90 6.29 4.58
C ASN B 245 -22.17 7.14 4.47
N TRP B 246 -21.98 8.44 4.34
CA TRP B 246 -23.08 9.41 4.48
C TRP B 246 -24.13 9.31 3.40
N GLU B 247 -23.73 9.07 2.16
CA GLU B 247 -24.69 8.88 1.05
C GLU B 247 -25.61 7.67 1.28
N GLU B 248 -25.04 6.56 1.74
CA GLU B 248 -25.82 5.41 2.14
C GLU B 248 -26.80 5.79 3.27
N ALA B 249 -26.26 6.45 4.29
CA ALA B 249 -27.01 6.88 5.45
C ALA B 249 -28.19 7.74 5.01
N LYS B 250 -27.93 8.69 4.13
CA LYS B 250 -28.97 9.58 3.64
C LYS B 250 -30.10 8.76 3.04
N GLU B 251 -29.74 7.83 2.15
CA GLU B 251 -30.72 7.04 1.41
C GLU B 251 -31.60 6.27 2.38
N LEU B 252 -30.96 5.57 3.33
CA LEU B 252 -31.69 4.83 4.35
C LEU B 252 -32.65 5.72 5.13
N ALA B 253 -32.16 6.89 5.53
CA ALA B 253 -32.95 7.81 6.32
C ALA B 253 -34.18 8.21 5.54
N GLN B 254 -33.97 8.63 4.29
CA GLN B 254 -35.05 8.96 3.35
C GLN B 254 -36.09 7.85 3.20
N CYS B 255 -35.57 6.63 3.07
CA CYS B 255 -36.40 5.46 3.01
C CYS B 255 -37.20 5.29 4.30
N ALA B 256 -36.50 5.36 5.43
CA ALA B 256 -37.14 5.27 6.74
C ALA B 256 -38.14 6.39 6.94
N LYS B 257 -37.84 7.58 6.42
CA LYS B 257 -38.78 8.68 6.53
C LYS B 257 -40.09 8.33 5.82
N ARG B 258 -40.01 7.63 4.68
CA ARG B 258 -41.22 7.24 3.93
C ARG B 258 -42.05 6.24 4.71
N ASP B 259 -41.43 5.16 5.17
CA ASP B 259 -42.10 4.17 6.00
C ASP B 259 -42.89 4.80 7.12
N TRP B 260 -42.31 5.77 7.81
CA TRP B 260 -42.94 6.37 8.97
C TRP B 260 -44.13 7.21 8.54
N ASN B 261 -44.08 7.72 7.31
CA ASN B 261 -45.24 8.45 6.77
C ASN B 261 -46.36 7.53 6.29
N ARG B 262 -45.98 6.33 5.86
CA ARG B 262 -46.94 5.31 5.48
C ARG B 262 -47.70 4.76 6.68
N LEU B 263 -47.08 4.81 7.87
CA LEU B 263 -47.69 4.34 9.10
C LEU B 263 -48.57 5.39 9.79
N LYS B 264 -48.61 6.59 9.22
CA LYS B 264 -49.43 7.67 9.79
C LYS B 264 -50.88 7.25 9.79
N ASN B 265 -51.63 7.71 10.79
CA ASN B 265 -53.04 7.32 10.97
C ASN B 265 -53.30 5.90 11.52
N HIS B 266 -52.33 4.99 11.39
CA HIS B 266 -52.46 3.63 11.90
C HIS B 266 -52.99 3.64 13.32
N PRO B 267 -53.94 2.73 13.64
CA PRO B 267 -54.60 2.84 14.94
C PRO B 267 -53.67 2.73 16.16
N SER B 268 -52.54 2.03 16.01
CA SER B 268 -51.63 1.77 17.14
C SER B 268 -51.07 3.06 17.76
N LEU B 269 -50.73 4.01 16.91
CA LEU B 269 -50.16 5.30 17.32
C LEU B 269 -51.02 6.08 18.29
N ARG B 270 -52.31 5.78 18.34
CA ARG B 270 -53.23 6.44 19.26
C ARG B 270 -52.88 6.04 20.69
N CYS B 271 -52.53 4.78 20.87
CA CYS B 271 -52.24 4.25 22.19
C CYS B 271 -50.83 4.62 22.59
N HIS B 272 -49.92 4.59 21.61
CA HIS B 272 -48.55 5.03 21.81
C HIS B 272 -48.50 6.46 22.35
N GLU B 273 -49.13 7.40 21.64
CA GLU B 273 -49.22 8.79 22.05
C GLU B 273 -49.69 8.95 23.49
N ASP B 274 -50.39 7.95 23.97
CA ASP B 274 -51.07 8.04 25.23
C ASP B 274 -50.27 7.43 26.38
N LEU B 275 -49.18 6.76 26.04
CA LEU B 275 -48.27 6.20 27.04
C LEU B 275 -47.44 7.28 27.76
N PRO B 276 -47.12 7.06 29.04
CA PRO B 276 -46.24 7.98 29.74
C PRO B 276 -44.85 8.03 29.05
N LEU B 277 -44.25 9.23 29.01
CA LEU B 277 -42.91 9.40 28.46
C LEU B 277 -41.96 8.25 28.73
N PHE B 278 -41.82 7.80 29.99
CA PHE B 278 -40.89 6.68 30.25
C PHE B 278 -41.21 5.33 29.55
N LEU B 279 -42.38 5.21 28.94
CA LEU B 279 -42.65 4.06 28.07
C LEU B 279 -42.71 4.50 26.61
N ARG B 280 -43.17 5.72 26.38
CA ARG B 280 -43.33 6.19 25.02
C ARG B 280 -42.05 6.09 24.20
N CYS B 281 -40.90 6.06 24.88
CA CYS B 281 -39.62 5.80 24.20
C CYS B 281 -39.56 4.43 23.53
N PHE B 282 -40.49 3.54 23.86
CA PHE B 282 -40.47 2.21 23.26
C PHE B 282 -41.58 2.01 22.20
N THR B 283 -41.72 2.97 21.30
CA THR B 283 -42.73 2.92 20.29
C THR B 283 -42.11 3.20 18.91
N VAL B 284 -42.75 2.70 17.85
CA VAL B 284 -42.28 2.98 16.49
C VAL B 284 -42.06 4.47 16.32
N GLY B 285 -43.02 5.28 16.77
CA GLY B 285 -42.92 6.72 16.62
C GLY B 285 -41.61 7.26 17.18
N TRP B 286 -41.36 6.95 18.45
CA TRP B 286 -40.15 7.41 19.09
C TRP B 286 -38.96 7.08 18.21
N ILE B 287 -38.82 5.79 17.90
CA ILE B 287 -37.70 5.34 17.10
C ILE B 287 -37.58 6.04 15.76
N TYR B 288 -38.70 6.29 15.09
CA TYR B 288 -38.63 7.03 13.84
C TYR B 288 -38.11 8.42 14.10
N THR B 289 -38.62 9.06 15.16
CA THR B 289 -38.18 10.40 15.51
C THR B 289 -36.67 10.41 15.76
N ARG B 290 -36.20 9.43 16.53
CA ARG B 290 -34.76 9.27 16.69
C ARG B 290 -34.07 9.16 15.33
N ILE B 291 -34.62 8.36 14.43
CA ILE B 291 -34.07 8.31 13.06
C ILE B 291 -34.10 9.68 12.38
N LEU B 292 -35.25 10.36 12.42
CA LEU B 292 -35.32 11.71 11.86
C LEU B 292 -34.23 12.67 12.43
N SER B 293 -33.89 12.51 13.72
CA SER B 293 -32.76 13.24 14.33
C SER B 293 -31.45 12.95 13.63
N ARG B 294 -31.13 11.68 13.46
CA ARG B 294 -29.92 11.31 12.75
C ARG B 294 -29.96 11.87 11.34
N PHE B 295 -31.15 11.96 10.79
CA PHE B 295 -31.32 12.51 9.45
C PHE B 295 -30.81 13.96 9.39
N VAL B 296 -31.18 14.80 10.37
CA VAL B 296 -30.60 16.16 10.41
C VAL B 296 -29.09 16.10 10.51
N GLU B 297 -28.56 15.27 11.40
CA GLU B 297 -27.12 15.16 11.47
C GLU B 297 -26.51 14.82 10.11
N ILE B 298 -27.13 13.86 9.39
CA ILE B 298 -26.67 13.44 8.06
C ILE B 298 -26.75 14.60 7.09
N LEU B 299 -27.93 15.20 6.96
CA LEU B 299 -28.07 16.36 6.08
C LEU B 299 -27.01 17.44 6.33
N GLN B 300 -26.73 17.72 7.61
CA GLN B 300 -25.75 18.73 8.01
C GLN B 300 -24.36 18.37 7.53
N ARG B 301 -23.96 17.13 7.73
CA ARG B 301 -22.65 16.68 7.28
C ARG B 301 -22.50 16.78 5.75
N LEU B 302 -23.59 16.58 5.03
CA LEU B 302 -23.61 16.76 3.60
C LEU B 302 -23.84 18.22 3.26
N HIS B 303 -23.64 19.10 4.23
CA HIS B 303 -23.85 20.53 4.05
C HIS B 303 -25.18 20.90 3.38
N MET B 304 -26.23 20.12 3.65
CA MET B 304 -27.53 20.41 3.09
C MET B 304 -28.42 21.17 4.09
N TYR B 305 -27.97 22.36 4.48
CA TYR B 305 -28.52 23.05 5.64
C TYR B 305 -29.97 23.52 5.53
N GLU B 306 -30.43 23.84 4.33
CA GLU B 306 -31.82 24.29 4.14
C GLU B 306 -32.72 23.15 4.57
N GLU B 307 -32.31 21.94 4.19
CA GLU B 307 -33.07 20.74 4.41
C GLU B 307 -33.04 20.39 5.88
N ALA B 308 -31.83 20.33 6.42
CA ALA B 308 -31.62 20.18 7.87
C ALA B 308 -32.56 21.09 8.67
N VAL B 309 -32.59 22.39 8.36
CA VAL B 309 -33.55 23.29 8.98
C VAL B 309 -35.01 22.80 8.90
N ARG B 310 -35.44 22.41 7.69
CA ARG B 310 -36.82 21.88 7.45
C ARG B 310 -37.14 20.71 8.37
N GLU B 311 -36.24 19.73 8.42
CA GLU B 311 -36.40 18.61 9.32
C GLU B 311 -36.43 19.01 10.79
N LEU B 312 -35.60 19.97 11.15
CA LEU B 312 -35.55 20.46 12.54
C LEU B 312 -36.87 21.10 12.89
N GLU B 313 -37.48 21.75 11.90
CA GLU B 313 -38.74 22.48 12.15
C GLU B 313 -39.86 21.50 12.34
N SER B 314 -39.81 20.41 11.59
CA SER B 314 -40.77 19.33 11.71
C SER B 314 -40.63 18.76 13.10
N LEU B 315 -39.43 18.29 13.41
CA LEU B 315 -39.20 17.71 14.69
C LEU B 315 -39.76 18.61 15.81
N LEU B 316 -39.40 19.90 15.79
CA LEU B 316 -39.82 20.81 16.84
C LEU B 316 -41.33 21.10 16.85
N SER B 317 -41.98 21.04 15.71
CA SER B 317 -43.41 21.28 15.63
C SER B 317 -44.30 20.23 16.33
N GLN B 318 -43.76 19.04 16.62
CA GLN B 318 -44.48 18.03 17.42
C GLN B 318 -43.94 17.86 18.84
N ARG B 319 -44.80 17.49 19.78
CA ARG B 319 -44.38 17.34 21.19
C ARG B 319 -44.55 15.89 21.69
N ILE B 320 -45.02 15.02 20.80
CA ILE B 320 -45.29 13.63 21.15
C ILE B 320 -43.99 12.87 21.43
N TYR B 321 -43.04 12.95 20.50
CA TYR B 321 -41.84 12.13 20.56
C TYR B 321 -40.55 12.89 20.89
N CYS B 322 -39.76 12.34 21.81
CA CYS B 322 -38.43 12.87 22.12
C CYS B 322 -38.37 14.32 22.65
N PRO B 323 -39.19 14.65 23.64
CA PRO B 323 -39.13 16.02 24.13
C PRO B 323 -37.78 16.34 24.77
N ASP B 324 -37.07 15.32 25.24
CA ASP B 324 -35.75 15.54 25.80
C ASP B 324 -34.76 16.04 24.77
N SER B 325 -35.03 15.78 23.49
CA SER B 325 -34.15 16.22 22.42
C SER B 325 -34.38 17.64 21.97
N ARG B 326 -35.40 18.30 22.51
CA ARG B 326 -35.75 19.61 21.97
C ARG B 326 -34.59 20.61 22.13
N GLY B 327 -33.95 20.59 23.30
CA GLY B 327 -32.82 21.47 23.53
C GLY B 327 -31.73 21.38 22.47
N ARG B 328 -31.25 20.16 22.20
CA ARG B 328 -30.37 19.89 21.08
C ARG B 328 -30.99 20.34 19.76
N TRP B 329 -32.26 20.06 19.51
CA TRP B 329 -32.85 20.51 18.24
C TRP B 329 -32.84 22.02 18.07
N TRP B 330 -33.33 22.75 19.08
CA TRP B 330 -33.43 24.20 19.01
C TRP B 330 -32.07 24.79 18.81
N ASP B 331 -31.11 24.33 19.63
CA ASP B 331 -29.73 24.79 19.55
C ASP B 331 -29.24 24.65 18.12
N ARG B 332 -29.61 23.54 17.51
CA ARG B 332 -29.11 23.14 16.22
C ARG B 332 -29.80 23.89 15.11
N LEU B 333 -31.10 24.13 15.29
CA LEU B 333 -31.85 25.03 14.43
C LEU B 333 -31.18 26.39 14.44
N ALA B 334 -30.98 26.92 15.65
CA ALA B 334 -30.36 28.24 15.85
C ALA B 334 -29.01 28.34 15.17
N LEU B 335 -28.10 27.42 15.51
CA LEU B 335 -26.79 27.36 14.84
C LEU B 335 -26.91 27.39 13.33
N ASN B 336 -27.73 26.51 12.75
CA ASN B 336 -27.92 26.47 11.30
C ASN B 336 -28.41 27.78 10.69
N LEU B 337 -29.47 28.36 11.27
CA LEU B 337 -30.03 29.63 10.80
C LEU B 337 -29.02 30.78 10.91
N HIS B 338 -28.30 30.82 12.02
CA HIS B 338 -27.33 31.87 12.24
C HIS B 338 -26.10 31.70 11.37
N GLN B 339 -25.44 30.54 11.45
CA GLN B 339 -24.13 30.38 10.83
C GLN B 339 -24.12 30.01 9.36
N HIS B 340 -25.09 29.23 8.93
CA HIS B 340 -25.04 28.62 7.61
C HIS B 340 -26.00 29.30 6.64
N LEU B 341 -27.26 29.44 7.03
CA LEU B 341 -28.22 30.18 6.23
C LEU B 341 -28.14 31.70 6.43
N LYS B 342 -27.35 32.14 7.43
CA LYS B 342 -27.07 33.56 7.70
C LYS B 342 -28.32 34.45 7.75
N ARG B 343 -29.32 34.01 8.50
CA ARG B 343 -30.65 34.61 8.47
C ARG B 343 -31.02 35.08 9.89
N LEU B 344 -30.57 36.29 10.22
CA LEU B 344 -30.60 36.80 11.60
C LEU B 344 -31.98 37.04 12.22
N GLU B 345 -33.00 37.30 11.40
CA GLU B 345 -34.35 37.48 11.94
C GLU B 345 -34.82 36.16 12.55
N PRO B 346 -34.98 35.08 11.73
CA PRO B 346 -35.44 33.80 12.30
C PRO B 346 -34.55 33.28 13.43
N THR B 347 -33.23 33.36 13.26
CA THR B 347 -32.30 33.07 14.34
C THR B 347 -32.79 33.64 15.67
N ILE B 348 -33.25 34.88 15.65
CA ILE B 348 -33.78 35.49 16.88
C ILE B 348 -35.11 34.86 17.32
N LYS B 349 -36.03 34.64 16.39
CA LYS B 349 -37.32 34.02 16.71
C LYS B 349 -37.07 32.66 17.31
N CYS B 350 -36.20 31.92 16.63
CA CYS B 350 -35.80 30.60 17.05
C CYS B 350 -35.26 30.60 18.48
N ILE B 351 -34.22 31.38 18.74
CA ILE B 351 -33.69 31.51 20.09
C ILE B 351 -34.78 31.81 21.13
N THR B 352 -35.75 32.64 20.75
CA THR B 352 -36.77 33.08 21.71
C THR B 352 -37.75 31.98 22.07
N GLU B 353 -38.23 31.26 21.05
CA GLU B 353 -39.10 30.12 21.29
C GLU B 353 -38.38 29.02 22.04
N GLY B 354 -37.15 28.74 21.60
CA GLY B 354 -36.25 27.85 22.32
C GLY B 354 -36.21 28.10 23.82
N LEU B 355 -35.86 29.33 24.18
CA LEU B 355 -35.77 29.70 25.59
C LEU B 355 -37.12 29.66 26.29
N ALA B 356 -38.20 29.82 25.53
CA ALA B 356 -39.53 29.79 26.13
C ALA B 356 -40.03 28.36 26.34
N ASP B 357 -39.28 27.39 25.84
CA ASP B 357 -39.61 25.96 25.92
C ASP B 357 -39.11 25.29 27.23
N PRO B 358 -40.04 24.85 28.09
CA PRO B 358 -39.68 24.23 29.37
C PRO B 358 -38.88 22.92 29.21
N GLU B 359 -38.76 22.47 27.97
CA GLU B 359 -38.09 21.22 27.72
C GLU B 359 -36.61 21.40 27.50
N VAL B 360 -36.18 22.61 27.13
CA VAL B 360 -34.74 22.89 27.01
C VAL B 360 -34.13 23.23 28.38
N ARG B 361 -32.88 22.86 28.59
CA ARG B 361 -32.32 22.73 29.94
C ARG B 361 -30.80 22.90 29.98
N THR B 362 -30.29 22.99 31.20
CA THR B 362 -28.85 23.09 31.47
C THR B 362 -28.04 23.55 30.24
N GLY B 363 -27.20 22.64 29.74
CA GLY B 363 -26.35 22.89 28.60
C GLY B 363 -26.97 23.72 27.48
N HIS B 364 -28.03 23.21 26.86
CA HIS B 364 -28.56 23.80 25.59
C HIS B 364 -29.23 25.13 25.85
N ARG B 365 -29.83 25.22 27.03
CA ARG B 365 -30.48 26.45 27.47
C ARG B 365 -29.40 27.54 27.52
N LEU B 366 -28.29 27.25 28.20
CA LEU B 366 -27.17 28.19 28.28
C LEU B 366 -26.67 28.55 26.89
N SER B 367 -26.42 27.55 26.05
CA SER B 367 -25.94 27.78 24.69
C SER B 367 -26.81 28.76 23.93
N LEU B 368 -28.13 28.65 24.10
CA LEU B 368 -29.07 29.46 23.35
C LEU B 368 -29.05 30.86 23.90
N TYR B 369 -29.04 30.95 25.23
CA TYR B 369 -28.88 32.24 25.88
C TYR B 369 -27.63 32.98 25.36
N GLN B 370 -26.47 32.33 25.44
CA GLN B 370 -25.24 32.95 24.99
C GLN B 370 -25.33 33.41 23.54
N ARG B 371 -25.95 32.62 22.67
CA ARG B 371 -26.10 33.04 21.29
C ARG B 371 -26.93 34.33 21.23
N ALA B 372 -27.95 34.44 22.06
CA ALA B 372 -28.74 35.67 22.08
C ALA B 372 -27.85 36.89 22.40
N VAL B 373 -27.09 36.85 23.49
CA VAL B 373 -26.32 38.05 23.88
C VAL B 373 -25.25 38.38 22.82
N ARG B 374 -24.60 37.36 22.26
CA ARG B 374 -23.65 37.55 21.17
C ARG B 374 -24.32 38.33 20.04
N LEU B 375 -25.57 37.99 19.74
CA LEU B 375 -26.30 38.58 18.63
C LEU B 375 -26.82 39.98 18.92
N ARG B 376 -27.49 40.17 20.06
CA ARG B 376 -28.10 41.46 20.35
C ARG B 376 -27.04 42.56 20.49
N GLU B 377 -25.86 42.15 20.94
CA GLU B 377 -24.78 43.05 21.24
C GLU B 377 -23.82 43.14 20.03
N SER B 378 -24.36 42.97 18.82
CA SER B 378 -23.55 42.95 17.61
C SER B 378 -23.99 44.03 16.62
N PRO B 379 -23.01 44.72 15.98
CA PRO B 379 -23.28 45.73 14.95
C PRO B 379 -24.22 45.25 13.84
N SER B 380 -23.80 44.25 13.06
CA SER B 380 -24.59 43.77 11.92
C SER B 380 -25.97 43.25 12.34
N CYS B 381 -26.30 43.47 13.60
CA CYS B 381 -27.57 43.05 14.13
C CYS B 381 -28.32 44.20 14.80
N LYS B 382 -27.58 45.23 15.22
CA LYS B 382 -28.11 46.38 15.98
C LYS B 382 -29.39 47.03 15.43
N LYS B 383 -29.69 46.75 14.17
CA LYS B 383 -30.86 47.32 13.50
C LYS B 383 -32.19 46.70 13.97
N PHE B 384 -32.37 46.58 15.28
CA PHE B 384 -33.53 45.93 15.89
C PHE B 384 -33.50 46.07 17.43
N LYS B 385 -34.65 45.88 18.08
CA LYS B 385 -34.72 45.86 19.55
C LYS B 385 -35.61 44.71 20.02
N HIS B 386 -35.56 43.61 19.28
CA HIS B 386 -36.42 42.45 19.53
C HIS B 386 -35.78 41.41 20.46
N LEU B 387 -34.49 41.58 20.77
CA LEU B 387 -33.75 40.71 21.70
C LEU B 387 -33.54 41.31 23.06
N PHE B 388 -33.94 42.58 23.22
CA PHE B 388 -34.03 43.18 24.54
C PHE B 388 -35.22 42.55 25.27
N GLN B 389 -36.04 41.85 24.49
CA GLN B 389 -37.23 41.18 24.98
C GLN B 389 -36.99 40.33 26.21
N GLN B 390 -37.17 40.95 27.37
CA GLN B 390 -37.23 40.27 28.66
C GLN B 390 -36.47 38.94 28.67
N LEU B 391 -35.17 39.00 28.39
CA LEU B 391 -34.31 37.83 28.51
C LEU B 391 -33.74 37.77 29.92
N PRO B 392 -34.15 36.74 30.69
CA PRO B 392 -33.63 36.54 32.03
C PRO B 392 -32.12 36.55 31.99
N GLU B 393 -31.49 37.40 32.81
CA GLU B 393 -30.04 37.61 32.76
C GLU B 393 -29.23 36.39 33.26
N MET B 394 -29.60 35.21 32.78
CA MET B 394 -29.03 33.91 33.17
C MET B 394 -27.50 33.83 32.99
N ALA B 395 -26.80 34.65 33.76
CA ALA B 395 -25.35 34.64 33.79
C ALA B 395 -24.90 33.51 34.72
N VAL B 396 -23.59 33.27 34.75
CA VAL B 396 -23.03 32.15 35.49
C VAL B 396 -21.79 32.67 36.22
N GLN B 397 -21.79 32.58 37.56
CA GLN B 397 -20.66 33.06 38.39
C GLN B 397 -19.35 32.46 37.93
N ASP B 398 -18.31 33.29 37.87
CA ASP B 398 -16.97 32.82 37.49
C ASP B 398 -16.31 32.12 38.66
N VAL B 399 -15.27 31.35 38.35
CA VAL B 399 -14.70 30.37 39.26
C VAL B 399 -13.17 30.45 39.26
N LYS B 400 -12.52 30.12 40.37
CA LYS B 400 -11.06 30.22 40.44
C LYS B 400 -10.40 29.28 39.46
N HIS B 401 -9.67 29.85 38.50
CA HIS B 401 -8.78 29.08 37.63
C HIS B 401 -7.34 29.05 38.14
N VAL B 402 -6.58 28.09 37.65
CA VAL B 402 -5.25 27.79 38.15
C VAL B 402 -4.49 27.17 36.99
N THR B 403 -3.16 27.17 37.07
CA THR B 403 -2.35 26.50 36.06
C THR B 403 -1.23 25.71 36.65
N ILE B 404 -0.94 24.58 36.02
CA ILE B 404 0.26 23.80 36.31
C ILE B 404 0.85 23.41 34.97
N THR B 405 2.00 22.73 35.03
CA THR B 405 2.66 22.19 33.85
C THR B 405 2.93 20.70 34.03
N GLY B 406 3.12 20.02 32.90
CA GLY B 406 3.50 18.62 32.88
C GLY B 406 4.09 18.33 31.52
N ARG B 407 5.20 17.61 31.50
CA ARG B 407 5.91 17.34 30.25
C ARG B 407 5.10 16.38 29.37
N LEU B 408 4.72 16.89 28.20
CA LEU B 408 3.91 16.13 27.25
C LEU B 408 4.75 15.06 26.57
N CYS B 409 4.23 13.84 26.54
CA CYS B 409 4.83 12.75 25.76
C CYS B 409 4.22 12.76 24.35
N PRO B 410 5.05 13.08 23.33
CA PRO B 410 4.67 13.52 21.98
C PRO B 410 3.25 13.10 21.56
N GLN B 411 3.12 11.87 21.08
CA GLN B 411 1.84 11.20 20.80
C GLN B 411 2.15 9.72 20.52
N ARG B 412 1.15 8.86 20.67
CA ARG B 412 1.26 7.42 20.38
C ARG B 412 0.00 6.66 20.82
N LYS B 416 -5.90 11.19 22.86
CA LYS B 416 -5.88 11.50 24.29
C LYS B 416 -4.45 11.78 24.72
N SER B 417 -4.16 13.06 24.96
CA SER B 417 -2.82 13.51 25.34
C SER B 417 -2.26 12.76 26.55
N VAL B 418 -1.08 12.18 26.39
CA VAL B 418 -0.38 11.51 27.48
C VAL B 418 0.75 12.41 27.96
N PHE B 419 0.86 12.52 29.28
CA PHE B 419 1.91 13.30 29.92
C PHE B 419 2.79 12.36 30.74
N VAL B 420 4.05 12.77 30.93
CA VAL B 420 4.95 12.06 31.83
C VAL B 420 5.05 12.81 33.16
N MET B 421 4.90 12.06 34.24
CA MET B 421 5.10 12.58 35.58
C MET B 421 6.16 11.74 36.27
N GLU B 422 6.87 12.34 37.22
CA GLU B 422 7.97 11.64 37.87
C GLU B 422 8.28 12.03 39.32
N ALA B 423 9.23 12.94 39.49
CA ALA B 423 10.01 13.10 40.74
C ALA B 423 10.98 11.91 40.89
N GLY B 424 11.60 11.77 42.06
CA GLY B 424 12.57 10.70 42.32
C GLY B 424 12.51 10.19 43.75
N GLU B 425 11.67 9.17 43.99
CA GLU B 425 11.29 8.78 45.35
C GLU B 425 11.93 7.50 45.89
N ALA B 426 11.09 6.50 46.17
CA ALA B 426 11.51 5.25 46.80
C ALA B 426 12.34 4.36 45.87
N ALA B 427 13.63 4.22 46.23
CA ALA B 427 14.62 3.40 45.49
C ALA B 427 15.12 4.01 44.16
N ASP B 428 14.25 4.74 43.45
CA ASP B 428 14.56 5.28 42.11
C ASP B 428 13.72 6.52 41.75
N PRO B 429 14.19 7.34 40.79
CA PRO B 429 13.32 8.33 40.17
C PRO B 429 12.34 7.70 39.14
N THR B 430 11.12 7.38 39.60
CA THR B 430 10.09 6.77 38.72
C THR B 430 9.64 7.77 37.65
N THR B 431 9.76 7.38 36.39
CA THR B 431 9.33 8.18 35.25
C THR B 431 8.10 7.53 34.60
N VAL B 432 6.92 7.87 35.11
CA VAL B 432 5.67 7.20 34.73
C VAL B 432 4.83 8.01 33.74
N LEU B 433 4.16 7.30 32.83
CA LEU B 433 3.17 7.90 31.93
C LEU B 433 1.82 7.98 32.63
N CYS B 434 1.09 9.08 32.38
CA CYS B 434 -0.20 9.33 33.05
C CYS B 434 -1.10 10.28 32.26
N SER B 435 -2.37 10.36 32.67
CA SER B 435 -3.31 11.32 32.08
C SER B 435 -3.18 12.74 32.63
N VAL B 436 -3.89 13.65 31.98
CA VAL B 436 -4.02 15.03 32.44
C VAL B 436 -4.54 15.09 33.87
N GLU B 437 -5.52 14.22 34.17
CA GLU B 437 -6.18 14.17 35.46
C GLU B 437 -5.26 13.64 36.55
N GLU B 438 -4.48 12.62 36.21
CA GLU B 438 -3.48 12.08 37.13
C GLU B 438 -2.40 13.11 37.46
N LEU B 439 -2.04 13.91 36.47
CA LEU B 439 -1.07 14.99 36.66
C LEU B 439 -1.57 16.06 37.64
N ALA B 440 -2.87 16.31 37.61
CA ALA B 440 -3.49 17.28 38.50
C ALA B 440 -3.56 16.67 39.88
N LEU B 441 -4.08 15.46 39.95
CA LEU B 441 -4.09 14.73 41.19
C LEU B 441 -2.75 14.83 41.95
N ALA B 442 -1.63 14.61 41.25
CA ALA B 442 -0.31 14.84 41.82
C ALA B 442 -0.18 16.26 42.38
N HIS B 443 -0.45 17.27 41.57
CA HIS B 443 -0.31 18.62 42.02
C HIS B 443 -1.08 18.82 43.32
N TYR B 444 -2.31 18.32 43.37
CA TYR B 444 -3.16 18.55 44.52
C TYR B 444 -2.64 17.77 45.74
N ARG B 445 -1.92 16.70 45.49
CA ARG B 445 -1.26 16.00 46.58
C ARG B 445 -0.12 16.84 47.21
N ARG B 446 0.72 17.44 46.37
CA ARG B 446 1.75 18.35 46.88
C ARG B 446 1.14 19.65 47.40
N SER B 447 -0.06 20.00 46.93
CA SER B 447 -0.73 21.19 47.44
C SER B 447 -1.34 20.98 48.82
N GLY B 448 -1.29 19.75 49.33
CA GLY B 448 -1.79 19.46 50.67
C GLY B 448 -3.02 18.56 50.78
N PHE B 449 -3.60 18.15 49.64
CA PHE B 449 -4.76 17.28 49.67
C PHE B 449 -4.34 15.84 49.45
N ASP B 450 -4.21 15.09 50.52
CA ASP B 450 -3.64 13.76 50.43
C ASP B 450 -4.56 12.78 49.70
N GLN B 451 -5.83 13.16 49.56
CA GLN B 451 -6.84 12.28 49.01
C GLN B 451 -7.44 12.83 47.70
N GLY B 452 -7.90 11.94 46.85
CA GLY B 452 -8.50 12.35 45.60
C GLY B 452 -9.10 11.22 44.82
N ILE B 453 -10.13 11.53 44.03
CA ILE B 453 -10.78 10.56 43.15
C ILE B 453 -11.01 11.20 41.79
N HIS B 454 -10.61 10.50 40.74
CA HIS B 454 -10.99 10.90 39.40
C HIS B 454 -12.22 10.05 38.99
N GLY B 455 -13.40 10.63 39.13
CA GLY B 455 -14.65 9.90 38.85
C GLY B 455 -15.71 10.70 38.11
N GLU B 456 -15.39 11.93 37.74
CA GLU B 456 -16.35 12.84 37.09
C GLU B 456 -17.74 12.64 37.69
N GLY B 457 -18.74 12.38 36.86
CA GLY B 457 -20.10 12.23 37.35
C GLY B 457 -20.39 10.99 38.16
N SER B 458 -19.55 9.96 38.06
CA SER B 458 -19.83 8.75 38.80
C SER B 458 -19.65 8.91 40.31
N THR B 459 -18.70 9.74 40.75
CA THR B 459 -18.52 9.96 42.18
C THR B 459 -19.84 10.48 42.81
N PHE B 460 -20.41 11.53 42.21
CA PHE B 460 -21.64 12.06 42.74
C PHE B 460 -22.80 11.15 42.51
N SER B 461 -22.81 10.53 41.35
CA SER B 461 -23.90 9.67 41.02
C SER B 461 -23.96 8.46 41.95
N THR B 462 -22.82 7.92 42.38
CA THR B 462 -22.89 6.76 43.24
C THR B 462 -23.22 7.16 44.68
N LEU B 463 -22.81 8.35 45.10
CA LEU B 463 -23.26 8.88 46.38
C LEU B 463 -24.77 9.02 46.38
N TYR B 464 -25.31 9.66 45.34
CA TYR B 464 -26.76 9.84 45.17
C TYR B 464 -27.49 8.51 45.22
N GLY B 465 -26.90 7.47 44.66
CA GLY B 465 -27.55 6.18 44.66
C GLY B 465 -27.46 5.49 46.01
N LEU B 466 -26.38 5.72 46.73
CA LEU B 466 -26.24 5.13 48.03
C LEU B 466 -27.22 5.82 48.99
N LEU B 467 -27.31 7.16 48.89
CA LEU B 467 -28.18 7.92 49.76
C LEU B 467 -29.70 7.85 49.43
N LEU B 468 -30.09 7.41 48.24
CA LEU B 468 -31.52 7.39 47.95
C LEU B 468 -31.99 6.06 47.41
N TRP B 469 -31.19 5.03 47.69
CA TRP B 469 -31.43 3.72 47.12
C TRP B 469 -32.87 3.26 47.23
N ASP B 470 -33.37 3.38 48.45
CA ASP B 470 -34.67 2.87 48.84
C ASP B 470 -35.78 3.67 48.20
N ILE B 471 -35.59 4.99 48.10
CA ILE B 471 -36.57 5.82 47.38
C ILE B 471 -36.55 5.50 45.87
N ILE B 472 -35.36 5.19 45.35
CA ILE B 472 -35.16 4.91 43.92
C ILE B 472 -35.90 3.61 43.61
N PHE B 473 -35.76 2.63 44.51
CA PHE B 473 -36.38 1.34 44.28
C PHE B 473 -37.72 1.14 45.04
N MET B 474 -38.29 2.27 45.41
CA MET B 474 -39.61 2.39 45.99
C MET B 474 -40.74 1.68 45.22
N ASP B 475 -41.72 1.16 45.98
CA ASP B 475 -42.96 0.64 45.42
C ASP B 475 -43.95 1.76 45.18
N GLY B 476 -45.05 1.43 44.50
CA GLY B 476 -46.16 2.35 44.37
C GLY B 476 -46.26 3.16 43.10
N ILE B 477 -45.33 2.97 42.16
CA ILE B 477 -45.42 3.69 40.89
C ILE B 477 -45.64 2.68 39.77
N PRO B 478 -46.85 2.66 39.23
CA PRO B 478 -47.16 1.65 38.23
C PRO B 478 -46.27 1.81 36.99
N ASP B 479 -45.93 0.68 36.39
CA ASP B 479 -45.23 0.60 35.10
C ASP B 479 -43.70 0.78 35.13
N VAL B 480 -43.15 1.35 36.21
CA VAL B 480 -41.70 1.57 36.27
C VAL B 480 -40.88 0.30 36.43
N PHE B 481 -41.45 -0.75 37.03
CA PHE B 481 -40.73 -2.01 37.13
C PHE B 481 -41.47 -3.13 36.42
N ARG B 482 -40.97 -3.54 35.26
CA ARG B 482 -41.72 -4.45 34.40
C ARG B 482 -41.20 -5.86 34.47
N ASN B 483 -39.97 -6.03 34.90
CA ASN B 483 -39.44 -7.36 35.03
C ASN B 483 -38.23 -7.47 35.96
N ALA B 484 -37.72 -8.69 36.08
CA ALA B 484 -36.84 -9.09 37.17
C ALA B 484 -35.42 -8.55 37.08
N CYS B 485 -35.01 -8.15 35.86
CA CYS B 485 -33.62 -7.77 35.65
C CYS B 485 -33.35 -6.29 35.36
N GLN B 486 -34.08 -5.38 36.02
CA GLN B 486 -33.84 -3.94 35.93
C GLN B 486 -32.78 -3.43 36.92
N ALA B 487 -31.94 -2.51 36.47
CA ALA B 487 -30.99 -1.84 37.38
C ALA B 487 -31.45 -0.43 37.74
N PHE B 488 -32.68 -0.10 37.37
CA PHE B 488 -33.26 1.21 37.65
C PHE B 488 -34.75 1.23 37.31
N PRO B 489 -35.52 2.10 37.99
CA PRO B 489 -36.92 2.27 37.58
C PRO B 489 -36.95 2.91 36.20
N LEU B 490 -37.89 2.51 35.35
CA LEU B 490 -37.93 3.01 33.99
C LEU B 490 -38.13 4.52 33.86
N ASP B 491 -38.48 5.23 34.92
CA ASP B 491 -38.68 6.68 34.80
C ASP B 491 -37.50 7.50 35.34
N LEU B 492 -36.48 6.79 35.85
CA LEU B 492 -35.31 7.40 36.45
C LEU B 492 -34.82 8.66 35.73
N CYS B 493 -34.86 8.67 34.38
CA CYS B 493 -34.39 9.79 33.57
C CYS B 493 -35.49 10.62 32.93
N THR B 494 -36.58 10.79 33.67
CA THR B 494 -37.76 11.48 33.19
C THR B 494 -38.11 12.55 34.19
N ASP B 495 -38.76 13.61 33.74
CA ASP B 495 -39.29 14.58 34.69
C ASP B 495 -40.14 13.90 35.75
N SER B 496 -40.81 12.81 35.36
CA SER B 496 -41.73 12.11 36.24
C SER B 496 -41.07 11.42 37.43
N PHE B 497 -39.76 11.16 37.39
CA PHE B 497 -39.13 10.44 38.51
C PHE B 497 -39.32 11.18 39.82
N PHE B 498 -38.99 12.47 39.79
CA PHE B 498 -39.22 13.35 40.92
C PHE B 498 -40.70 13.45 41.21
N THR B 499 -41.49 13.82 40.21
CA THR B 499 -42.90 14.16 40.45
C THR B 499 -43.70 12.97 40.98
N SER B 500 -43.40 11.78 40.50
CA SER B 500 -44.02 10.57 41.02
C SER B 500 -43.54 10.15 42.38
N ARG B 501 -42.60 10.89 42.98
CA ARG B 501 -42.10 10.54 44.30
C ARG B 501 -41.88 11.79 45.16
N ARG B 502 -42.68 12.81 44.89
CA ARG B 502 -42.43 14.14 45.44
C ARG B 502 -42.33 14.21 46.96
N PRO B 503 -43.34 13.68 47.71
CA PRO B 503 -43.27 13.66 49.19
C PRO B 503 -41.97 13.01 49.72
N ALA B 504 -41.74 11.76 49.34
CA ALA B 504 -40.57 11.01 49.80
C ALA B 504 -39.25 11.72 49.49
N LEU B 505 -39.13 12.28 48.30
CA LEU B 505 -37.88 12.94 47.93
C LEU B 505 -37.59 14.17 48.78
N GLU B 506 -38.56 15.09 48.81
CA GLU B 506 -38.53 16.30 49.63
C GLU B 506 -38.20 15.97 51.10
N ALA B 507 -38.79 14.90 51.62
CA ALA B 507 -38.41 14.39 52.91
C ALA B 507 -36.90 14.16 52.95
N ARG B 508 -36.42 13.17 52.19
CA ARG B 508 -35.01 12.72 52.26
C ARG B 508 -34.02 13.81 51.89
N LEU B 509 -34.40 14.66 50.94
CA LEU B 509 -33.51 15.75 50.56
C LEU B 509 -33.25 16.66 51.75
N GLN B 510 -34.34 16.98 52.46
CA GLN B 510 -34.33 17.84 53.65
C GLN B 510 -33.50 17.20 54.75
N LEU B 511 -33.80 15.94 55.03
CA LEU B 511 -33.07 15.18 56.01
C LEU B 511 -31.55 15.18 55.77
N ILE B 512 -31.13 15.17 54.51
CA ILE B 512 -29.72 15.16 54.16
C ILE B 512 -29.16 16.54 54.46
N HIS B 513 -29.86 17.57 54.00
CA HIS B 513 -29.45 18.96 54.18
C HIS B 513 -29.11 19.32 55.62
N ASP B 514 -29.95 18.81 56.54
CA ASP B 514 -29.80 19.00 57.97
C ASP B 514 -28.88 17.97 58.63
N ALA B 515 -28.58 16.87 57.95
CA ALA B 515 -27.84 15.77 58.59
C ALA B 515 -26.43 16.11 59.06
N PRO B 516 -26.05 15.64 60.26
CA PRO B 516 -24.67 15.73 60.72
C PRO B 516 -23.76 14.67 60.07
N GLU B 517 -22.48 14.97 60.02
CA GLU B 517 -21.50 14.11 59.36
C GLU B 517 -21.30 12.75 60.06
N GLU B 518 -22.35 12.23 60.69
CA GLU B 518 -22.30 10.90 61.27
C GLU B 518 -23.54 10.18 60.81
N SER B 519 -24.60 10.98 60.60
CA SER B 519 -25.84 10.51 59.99
C SER B 519 -25.49 10.00 58.59
N LEU B 520 -24.78 10.87 57.86
CA LEU B 520 -24.29 10.56 56.54
C LEU B 520 -23.42 9.30 56.55
N ARG B 521 -22.40 9.25 57.41
CA ARG B 521 -21.55 8.05 57.45
C ARG B 521 -22.39 6.78 57.66
N ALA B 522 -23.45 6.89 58.46
CA ALA B 522 -24.28 5.72 58.78
C ALA B 522 -25.16 5.29 57.60
N TRP B 523 -25.93 6.26 57.08
CA TRP B 523 -26.80 6.05 55.92
C TRP B 523 -26.08 5.36 54.74
N VAL B 524 -24.91 5.91 54.37
CA VAL B 524 -24.04 5.32 53.36
C VAL B 524 -23.70 3.88 53.71
N ALA B 525 -23.23 3.65 54.94
CA ALA B 525 -22.94 2.27 55.38
C ALA B 525 -24.16 1.33 55.33
N ALA B 526 -25.35 1.85 55.60
CA ALA B 526 -26.56 1.03 55.56
C ALA B 526 -26.74 0.38 54.18
N THR B 527 -26.86 1.24 53.17
CA THR B 527 -27.03 0.86 51.76
C THR B 527 -25.87 0.04 51.27
N TRP B 528 -24.65 0.49 51.58
CA TRP B 528 -23.47 -0.26 51.21
C TRP B 528 -23.54 -1.69 51.71
N HIS B 529 -23.87 -1.85 52.99
CA HIS B 529 -23.91 -3.18 53.59
C HIS B 529 -25.01 -4.06 53.05
N GLU B 530 -26.18 -3.51 52.78
CA GLU B 530 -27.31 -4.30 52.27
C GLU B 530 -27.26 -4.54 50.77
N GLN B 531 -26.57 -3.66 50.03
CA GLN B 531 -26.62 -3.71 48.55
C GLN B 531 -25.29 -3.98 47.83
N GLU B 532 -24.15 -3.88 48.52
CA GLU B 532 -22.86 -4.05 47.85
C GLU B 532 -22.91 -5.14 46.79
N GLY B 533 -22.47 -4.82 45.56
CA GLY B 533 -22.50 -5.78 44.47
C GLY B 533 -23.76 -5.80 43.60
N ARG B 534 -24.89 -5.42 44.16
CA ARG B 534 -26.14 -5.38 43.39
C ARG B 534 -25.96 -4.42 42.20
N VAL B 535 -26.53 -4.76 41.06
CA VAL B 535 -26.40 -3.95 39.86
C VAL B 535 -27.41 -2.82 39.83
N ALA B 536 -26.96 -1.60 40.04
CA ALA B 536 -27.86 -0.47 39.86
C ALA B 536 -27.12 0.60 39.08
N SER B 537 -27.77 1.10 38.05
CA SER B 537 -27.17 2.03 37.12
C SER B 537 -26.43 3.21 37.76
N LEU B 538 -26.93 3.79 38.84
CA LEU B 538 -26.29 4.99 39.45
C LEU B 538 -25.01 4.69 40.25
N VAL B 539 -24.83 3.44 40.65
CA VAL B 539 -23.87 3.12 41.67
C VAL B 539 -22.75 2.29 41.10
N SER B 540 -21.50 2.71 41.26
CA SER B 540 -20.38 1.88 40.89
C SER B 540 -19.66 1.42 42.15
N TRP B 541 -19.76 0.13 42.44
CA TRP B 541 -19.20 -0.38 43.67
C TRP B 541 -17.72 -0.17 43.83
N ASP B 542 -17.00 -0.14 42.70
CA ASP B 542 -15.53 0.01 42.70
C ASP B 542 -15.14 1.48 42.58
N ARG B 543 -16.13 2.36 42.55
CA ARG B 543 -15.85 3.79 42.46
C ARG B 543 -15.02 4.29 43.64
N PHE B 544 -15.38 3.82 44.84
CA PHE B 544 -14.65 4.16 46.06
C PHE B 544 -13.87 2.93 46.40
N THR B 545 -12.68 3.12 46.96
CA THR B 545 -11.77 1.99 47.21
C THR B 545 -12.28 1.15 48.37
N SER B 546 -13.26 1.68 49.10
CA SER B 546 -13.83 1.05 50.31
C SER B 546 -14.96 1.89 50.84
N LEU B 547 -15.80 1.26 51.66
CA LEU B 547 -16.89 1.94 52.32
C LEU B 547 -16.35 3.08 53.15
N GLN B 548 -15.19 2.85 53.77
CA GLN B 548 -14.57 3.88 54.60
C GLN B 548 -14.27 5.11 53.77
N GLN B 549 -13.77 4.91 52.55
CA GLN B 549 -13.46 6.05 51.69
C GLN B 549 -14.74 6.83 51.32
N ALA B 550 -15.81 6.10 51.04
CA ALA B 550 -17.11 6.73 50.84
C ALA B 550 -17.53 7.54 52.07
N GLN B 551 -17.30 6.97 53.24
CA GLN B 551 -17.63 7.65 54.48
C GLN B 551 -16.86 8.95 54.71
N ASP B 552 -15.56 8.91 54.44
CA ASP B 552 -14.75 10.10 54.59
C ASP B 552 -15.21 11.21 53.68
N LEU B 553 -15.52 10.87 52.43
CA LEU B 553 -15.91 11.88 51.47
C LEU B 553 -17.20 12.56 51.87
N VAL B 554 -18.17 11.79 52.38
CA VAL B 554 -19.47 12.41 52.70
C VAL B 554 -19.35 13.30 53.91
N SER B 555 -18.43 12.94 54.80
CA SER B 555 -18.11 13.76 55.96
C SER B 555 -17.56 15.11 55.55
N CYS B 556 -16.66 15.12 54.56
CA CYS B 556 -16.15 16.37 54.03
C CYS B 556 -17.19 17.15 53.27
N LEU B 557 -18.02 16.48 52.50
CA LEU B 557 -18.92 17.21 51.60
C LEU B 557 -20.04 17.90 52.37
N GLY B 558 -20.67 17.13 53.24
CA GLY B 558 -21.67 17.64 54.15
C GLY B 558 -23.07 17.77 53.59
N GLY B 559 -24.03 17.37 54.40
CA GLY B 559 -25.46 17.65 54.22
C GLY B 559 -25.93 18.65 53.20
N PRO B 560 -25.53 19.92 53.31
CA PRO B 560 -26.11 20.90 52.37
C PRO B 560 -25.65 20.69 50.91
N VAL B 561 -24.39 20.29 50.73
CA VAL B 561 -23.84 20.08 49.39
C VAL B 561 -24.43 18.78 48.76
N LEU B 562 -24.32 17.68 49.49
CA LEU B 562 -24.89 16.43 49.06
C LEU B 562 -26.36 16.59 48.71
N SER B 563 -27.08 17.33 49.54
CA SER B 563 -28.51 17.50 49.33
C SER B 563 -28.78 18.19 48.00
N GLY B 564 -28.02 19.24 47.73
CA GLY B 564 -28.22 20.02 46.52
C GLY B 564 -27.97 19.15 45.30
N VAL B 565 -26.88 18.41 45.35
CA VAL B 565 -26.49 17.57 44.24
C VAL B 565 -27.59 16.54 43.97
N CYS B 566 -27.97 15.78 44.99
CA CYS B 566 -29.07 14.83 44.86
C CYS B 566 -30.38 15.47 44.35
N ARG B 567 -30.67 16.71 44.74
CA ARG B 567 -31.87 17.31 44.22
C ARG B 567 -31.75 17.39 42.71
N HIS B 568 -30.59 17.81 42.20
CA HIS B 568 -30.45 18.00 40.79
C HIS B 568 -30.54 16.69 40.02
N LEU B 569 -29.81 15.69 40.53
CA LEU B 569 -29.78 14.36 39.94
C LEU B 569 -31.15 13.67 39.97
N ALA B 570 -32.00 14.01 40.93
CA ALA B 570 -33.32 13.39 40.96
C ALA B 570 -34.33 14.22 40.18
N ALA B 571 -34.17 15.54 40.17
CA ALA B 571 -35.09 16.39 39.45
C ALA B 571 -34.95 16.19 37.94
N ASP B 572 -33.71 16.05 37.46
CA ASP B 572 -33.45 16.10 36.03
C ASP B 572 -32.13 15.40 35.68
N PHE B 573 -32.02 14.13 36.04
CA PHE B 573 -30.82 13.34 35.73
C PHE B 573 -30.51 13.31 34.24
N ARG B 574 -31.55 13.38 33.43
CA ARG B 574 -31.38 13.39 32.01
C ARG B 574 -30.48 14.55 31.54
N HIS B 575 -30.70 15.74 32.07
CA HIS B 575 -29.94 16.91 31.65
C HIS B 575 -28.89 17.40 32.66
N CYS B 576 -28.75 16.70 33.79
CA CYS B 576 -27.76 17.07 34.80
C CYS B 576 -26.65 16.06 34.93
N ARG B 577 -26.86 14.83 34.48
CA ARG B 577 -25.86 13.78 34.70
C ARG B 577 -24.49 14.16 34.17
N GLY B 578 -24.44 14.83 33.02
CA GLY B 578 -23.15 15.29 32.47
C GLY B 578 -22.74 16.68 32.91
N GLY B 579 -21.42 16.87 33.06
CA GLY B 579 -20.86 18.19 33.41
C GLY B 579 -20.13 18.32 34.72
N LEU B 580 -20.20 17.30 35.57
CA LEU B 580 -19.57 17.36 36.89
C LEU B 580 -18.06 17.27 36.73
N PRO B 581 -17.29 18.05 37.52
CA PRO B 581 -15.84 18.13 37.45
C PRO B 581 -15.13 16.78 37.46
N ASP B 582 -13.99 16.68 36.80
CA ASP B 582 -13.22 15.47 36.79
C ASP B 582 -12.93 14.96 38.20
N LEU B 583 -12.69 15.89 39.13
CA LEU B 583 -12.00 15.54 40.37
C LEU B 583 -12.65 15.98 41.67
N VAL B 584 -12.52 15.13 42.68
CA VAL B 584 -12.83 15.47 44.06
C VAL B 584 -11.59 15.22 44.89
N VAL B 585 -11.03 16.28 45.48
CA VAL B 585 -9.82 16.15 46.33
C VAL B 585 -10.04 16.72 47.74
N TRP B 586 -9.45 16.05 48.73
CA TRP B 586 -9.65 16.49 50.10
C TRP B 586 -8.48 16.15 51.04
N ASN B 587 -8.32 17.01 52.03
CA ASN B 587 -7.34 16.83 53.09
C ASN B 587 -7.95 16.04 54.22
N SER B 588 -7.33 14.90 54.50
CA SER B 588 -7.76 13.96 55.50
C SER B 588 -8.00 14.57 56.89
N GLN B 589 -7.07 15.42 57.34
CA GLN B 589 -7.15 15.99 58.67
C GLN B 589 -7.91 17.31 58.72
N SER B 590 -7.78 18.17 57.71
CA SER B 590 -8.54 19.42 57.74
C SER B 590 -9.99 19.28 57.30
N ARG B 591 -10.32 18.17 56.62
CA ARG B 591 -11.65 17.93 56.05
C ARG B 591 -12.06 18.91 54.94
N HIS B 592 -11.15 19.76 54.47
CA HIS B 592 -11.51 20.69 53.40
C HIS B 592 -11.34 20.00 52.09
N PHE B 593 -12.32 20.18 51.23
CA PHE B 593 -12.28 19.55 49.91
C PHE B 593 -12.31 20.56 48.78
N LYS B 594 -11.89 20.11 47.61
CA LYS B 594 -12.03 20.88 46.42
C LYS B 594 -12.61 20.01 45.30
N LEU B 595 -13.52 20.58 44.52
CA LEU B 595 -14.01 19.97 43.28
C LEU B 595 -13.30 20.65 42.15
N VAL B 596 -12.54 19.87 41.38
CA VAL B 596 -11.66 20.40 40.36
C VAL B 596 -12.01 19.84 39.00
N GLU B 597 -12.25 20.72 38.02
CA GLU B 597 -12.33 20.30 36.64
C GLU B 597 -10.96 20.49 36.03
N VAL B 598 -10.37 19.41 35.51
CA VAL B 598 -9.10 19.46 34.78
C VAL B 598 -9.30 19.69 33.27
N LYS B 599 -8.58 20.68 32.76
CA LYS B 599 -8.55 21.00 31.30
C LYS B 599 -7.14 20.95 30.78
N GLY B 600 -6.89 20.06 29.82
CA GLY B 600 -5.61 19.98 29.14
C GLY B 600 -5.46 21.19 28.23
N PRO B 601 -4.32 21.29 27.53
CA PRO B 601 -3.93 22.48 26.81
C PRO B 601 -5.01 22.98 25.87
N ASN B 602 -5.73 22.07 25.25
CA ASN B 602 -6.61 22.49 24.16
C ASN B 602 -8.10 22.37 24.38
N ASP B 603 -8.56 22.36 25.62
CA ASP B 603 -9.98 22.23 25.80
C ASP B 603 -10.52 23.21 26.85
N ARG B 604 -11.69 23.77 26.57
CA ARG B 604 -12.33 24.74 27.45
C ARG B 604 -13.55 24.09 28.07
N LEU B 605 -14.22 24.81 28.97
CA LEU B 605 -15.42 24.35 29.63
C LEU B 605 -16.59 24.32 28.66
N SER B 606 -17.32 23.22 28.68
CA SER B 606 -18.55 23.10 27.94
C SER B 606 -19.61 23.81 28.76
N HIS B 607 -20.75 24.13 28.15
CA HIS B 607 -21.85 24.75 28.87
C HIS B 607 -22.30 23.94 30.09
N LYS B 608 -22.40 22.61 29.96
CA LYS B 608 -22.86 21.81 31.08
C LYS B 608 -21.91 21.98 32.24
N GLN B 609 -20.61 21.98 31.94
CA GLN B 609 -19.60 22.15 32.97
C GLN B 609 -19.64 23.50 33.71
N MET B 610 -19.86 24.59 32.97
CA MET B 610 -19.98 25.84 33.64
C MET B 610 -21.23 25.91 34.53
N ILE B 611 -22.36 25.39 34.05
CA ILE B 611 -23.58 25.39 34.90
C ILE B 611 -23.35 24.64 36.23
N TRP B 612 -22.63 23.54 36.16
CA TRP B 612 -22.41 22.74 37.36
C TRP B 612 -21.47 23.41 38.33
N LEU B 613 -20.40 24.02 37.81
CA LEU B 613 -19.45 24.74 38.66
C LEU B 613 -20.17 25.83 39.45
N ALA B 614 -20.94 26.65 38.75
CA ALA B 614 -21.67 27.75 39.39
C ALA B 614 -22.56 27.22 40.49
N GLU B 615 -23.22 26.11 40.18
CA GLU B 615 -24.21 25.52 41.03
C GLU B 615 -23.54 24.92 42.27
N LEU B 616 -22.39 24.28 42.09
CA LEU B 616 -21.63 23.76 43.22
C LEU B 616 -21.10 24.88 44.13
N GLN B 617 -20.55 25.94 43.52
CA GLN B 617 -20.20 27.15 44.23
C GLN B 617 -21.39 27.64 45.04
N LYS B 618 -22.54 27.89 44.40
CA LYS B 618 -23.76 28.30 45.14
C LYS B 618 -24.05 27.46 46.36
N LEU B 619 -23.87 26.16 46.28
CA LEU B 619 -24.09 25.29 47.42
C LEU B 619 -22.94 25.40 48.43
N GLY B 620 -21.99 26.28 48.12
CA GLY B 620 -20.88 26.57 49.01
C GLY B 620 -19.80 25.53 48.94
N ALA B 621 -19.06 25.48 47.85
CA ALA B 621 -18.02 24.47 47.75
C ALA B 621 -16.90 24.99 46.90
N GLU B 622 -15.68 24.75 47.36
CA GLU B 622 -14.48 25.12 46.64
C GLU B 622 -14.43 24.42 45.29
N VAL B 623 -14.63 25.19 44.23
CA VAL B 623 -14.47 24.67 42.88
C VAL B 623 -13.38 25.43 42.14
N GLU B 624 -12.64 24.69 41.33
CA GLU B 624 -11.44 25.21 40.67
C GLU B 624 -11.33 24.55 39.30
N VAL B 625 -10.99 25.34 38.28
CA VAL B 625 -10.61 24.80 36.98
C VAL B 625 -9.08 24.80 36.93
N CYS B 626 -8.50 23.66 36.59
CA CYS B 626 -7.06 23.50 36.64
C CYS B 626 -6.53 23.23 35.24
N HIS B 627 -5.90 24.25 34.66
CA HIS B 627 -5.36 24.08 33.33
C HIS B 627 -3.97 23.48 33.42
N VAL B 628 -3.70 22.49 32.58
CA VAL B 628 -2.35 21.93 32.43
C VAL B 628 -1.74 22.53 31.17
N VAL B 629 -0.56 23.12 31.34
CA VAL B 629 0.25 23.57 30.19
C VAL B 629 1.41 22.59 30.10
N ALA B 630 1.78 22.23 28.87
CA ALA B 630 2.74 21.15 28.65
C ALA B 630 4.12 21.63 28.24
N VAL B 631 5.13 20.80 28.53
CA VAL B 631 6.52 21.02 28.12
C VAL B 631 6.96 19.97 27.12
CA CA I . 5.45 -4.41 -22.28
CA CA J . -11.68 17.38 31.97
#